data_8A3V
#
_entry.id   8A3V
#
_cell.length_a   186.515
_cell.length_b   186.515
_cell.length_c   252.839
_cell.angle_alpha   90.00
_cell.angle_beta   90.00
_cell.angle_gamma   120.00
#
_symmetry.space_group_name_H-M   'H 3 2'
#
loop_
_entity.id
_entity.type
_entity.pdbx_description
1 polymer 'Replicative DNA helicase'
2 polymer 'DUF721 domain-containing protein'
3 non-polymer "ADENOSINE-5'-DIPHOSPHATE"
4 non-polymer 'MAGNESIUM ION'
#
loop_
_entity_poly.entity_id
_entity_poly.type
_entity_poly.pdbx_seq_one_letter_code
_entity_poly.pdbx_strand_id
1 'polypeptide(L)'
;MADPRTDNRNRKIPDAQVDAIKVPPHSLEAEQSVIGGLLLDNERWDTVSEHVMTQDFYSRPHRLIFDGVKSILEAGKPLD
LITLSEYLEQREQLEDVGGFAYLADLAKNTPSAANINAYAEIVAERALVRNLIGVANEIADAGYDPQGRNAEDLLDLAES
KVFAIAEARTSENEGPKNVDSILERTLERIELLYKTPQDGVTGVNTGFTDLNKKTAGLQGSDLIIVAARPSMGKTTFAMN
LCENAAMEQDKPVLIFSLEMPAEQIMMRMLASLSRVDQTKIRTGQLDDEDWARISSTMGILMEKKNMYIDDSSGLTPTEV
RSRARRIAREHGGLSLIMVDYLQLMRVPALTDNRTLEIAEISRSLKALAKELNVPVVALSQLNRSLEQRADKRPVNSDLR
ESGSIEQDADLIMFIYRDEVYHPDSPLKGTAEIIIGKQRNGPIGSVRLTFQGHYSRFDNYAGPAFDDEHHHHHH
;
A,B
2 'polypeptide(L)'
;MHHHHHHRDHRPTATDELIQASKLKQIQEHAKAILLINRQLQDILPKGLKTQVRAANVRGGNLVLEAASAALKMKVDYER
LHILTQLRQNGFGHLISIEVRVNPELYRQSKITSEDARAANPRPPLSEHAAHVLLAIADQASDKVKKRLQSLARLAKANQ
KDD
;
C,D
#
# COMPACT_ATOMS: atom_id res chain seq x y z
N ASN A 10 3.64 -64.97 -9.56
CA ASN A 10 3.68 -63.80 -8.68
C ASN A 10 5.03 -63.60 -7.97
N ARG A 11 5.86 -64.66 -7.90
CA ARG A 11 7.18 -64.59 -7.27
C ARG A 11 8.27 -64.03 -8.21
N LYS A 12 8.07 -64.16 -9.52
CA LYS A 12 9.01 -63.65 -10.52
C LYS A 12 8.75 -62.18 -10.91
N ILE A 13 7.60 -61.64 -10.53
CA ILE A 13 7.24 -60.27 -10.81
C ILE A 13 8.08 -59.26 -9.99
N PRO A 14 8.27 -59.42 -8.66
CA PRO A 14 9.04 -58.40 -7.91
C PRO A 14 10.53 -58.35 -8.19
N ASP A 15 11.18 -59.47 -8.56
CA ASP A 15 12.62 -59.44 -8.80
C ASP A 15 12.98 -58.56 -9.99
N ALA A 16 12.22 -58.68 -11.09
CA ALA A 16 12.45 -57.86 -12.28
C ALA A 16 12.07 -56.40 -12.01
N GLN A 17 11.03 -56.17 -11.18
CA GLN A 17 10.61 -54.82 -10.86
C GLN A 17 11.60 -54.12 -9.94
N VAL A 18 12.20 -54.85 -9.00
CA VAL A 18 13.19 -54.29 -8.08
C VAL A 18 14.46 -53.89 -8.85
N ASP A 19 14.89 -54.74 -9.78
CA ASP A 19 16.07 -54.46 -10.59
C ASP A 19 15.87 -53.29 -11.54
N ALA A 20 14.65 -53.15 -12.08
CA ALA A 20 14.36 -52.07 -13.00
C ALA A 20 13.97 -50.76 -12.32
N ILE A 21 13.55 -50.79 -11.05
CA ILE A 21 13.11 -49.58 -10.36
C ILE A 21 14.15 -49.04 -9.40
N LYS A 22 14.99 -49.89 -8.79
CA LYS A 22 15.97 -49.43 -7.82
C LYS A 22 17.22 -48.84 -8.45
N VAL A 23 17.45 -49.06 -9.76
CA VAL A 23 18.62 -48.48 -10.41
C VAL A 23 18.32 -47.11 -10.98
N PRO A 24 18.89 -46.04 -10.39
CA PRO A 24 18.63 -44.69 -10.92
C PRO A 24 19.30 -44.46 -12.28
N PRO A 25 18.88 -43.43 -13.03
CA PRO A 25 19.53 -43.15 -14.33
C PRO A 25 21.03 -42.88 -14.18
N HIS A 26 21.84 -43.52 -15.04
CA HIS A 26 23.29 -43.38 -15.01
C HIS A 26 23.92 -43.72 -16.37
N SER A 27 25.19 -43.36 -16.55
CA SER A 27 25.94 -43.70 -17.74
C SER A 27 27.37 -43.96 -17.37
N LEU A 28 27.67 -45.21 -17.00
CA LEU A 28 29.03 -45.62 -16.63
C LEU A 28 30.00 -45.38 -17.77
N GLU A 29 29.54 -45.55 -19.01
CA GLU A 29 30.33 -45.35 -20.22
C GLU A 29 30.74 -43.89 -20.37
N ALA A 30 29.79 -42.97 -20.13
CA ALA A 30 30.11 -41.55 -20.20
C ALA A 30 31.06 -41.15 -19.08
N GLU A 31 30.85 -41.70 -17.87
CA GLU A 31 31.72 -41.43 -16.73
C GLU A 31 33.16 -41.87 -17.03
N GLN A 32 33.31 -43.08 -17.59
CA GLN A 32 34.61 -43.63 -17.96
C GLN A 32 35.28 -42.78 -19.02
N SER A 33 34.51 -42.30 -19.98
CA SER A 33 35.02 -41.47 -21.07
C SER A 33 35.52 -40.11 -20.58
N VAL A 34 34.87 -39.55 -19.56
CA VAL A 34 35.28 -38.26 -18.99
C VAL A 34 36.63 -38.46 -18.29
N ILE A 35 36.73 -39.50 -17.47
CA ILE A 35 37.96 -39.82 -16.73
C ILE A 35 39.09 -40.19 -17.68
N GLY A 36 38.80 -41.08 -18.63
CA GLY A 36 39.76 -41.51 -19.63
C GLY A 36 40.25 -40.37 -20.50
N GLY A 37 39.34 -39.47 -20.86
CA GLY A 37 39.63 -38.31 -21.68
C GLY A 37 40.55 -37.31 -20.99
N LEU A 38 40.35 -37.09 -19.69
CA LEU A 38 41.19 -36.18 -18.89
C LEU A 38 42.59 -36.76 -18.73
N LEU A 39 42.71 -38.09 -18.61
CA LEU A 39 44.00 -38.76 -18.54
C LEU A 39 44.77 -38.60 -19.87
N LEU A 40 44.05 -38.47 -20.99
CA LEU A 40 44.64 -38.28 -22.30
C LEU A 40 45.02 -36.81 -22.57
N ASP A 41 44.20 -35.84 -22.11
CA ASP A 41 44.40 -34.41 -22.35
C ASP A 41 43.94 -33.62 -21.12
N ASN A 42 44.83 -33.37 -20.23
CA ASN A 42 44.73 -32.56 -19.00
C ASN A 42 44.19 -31.14 -19.22
N GLU A 43 44.45 -30.55 -20.39
CA GLU A 43 44.00 -29.18 -20.70
C GLU A 43 42.49 -29.01 -20.77
N ARG A 44 41.76 -30.11 -20.98
CA ARG A 44 40.29 -30.09 -21.05
C ARG A 44 39.61 -29.97 -19.68
N TRP A 45 40.37 -29.99 -18.57
CA TRP A 45 39.83 -29.91 -17.24
C TRP A 45 39.02 -28.67 -17.00
N ASP A 46 39.49 -27.53 -17.51
CA ASP A 46 38.78 -26.26 -17.36
C ASP A 46 37.36 -26.31 -17.91
N THR A 47 37.17 -26.98 -19.04
CA THR A 47 35.85 -27.11 -19.65
C THR A 47 35.00 -28.15 -18.93
N VAL A 48 35.58 -29.32 -18.63
CA VAL A 48 34.89 -30.40 -17.95
C VAL A 48 34.44 -30.01 -16.54
N SER A 49 35.29 -29.27 -15.81
CA SER A 49 34.99 -28.79 -14.46
C SER A 49 33.82 -27.81 -14.42
N GLU A 50 33.50 -27.18 -15.55
CA GLU A 50 32.35 -26.26 -15.63
C GLU A 50 31.03 -27.05 -15.73
N HIS A 51 31.06 -28.27 -16.24
CA HIS A 51 29.87 -29.07 -16.46
C HIS A 51 29.61 -30.08 -15.35
N VAL A 52 30.66 -30.78 -14.88
CA VAL A 52 30.49 -31.82 -13.89
C VAL A 52 31.18 -31.55 -12.57
N MET A 53 30.58 -32.07 -11.50
CA MET A 53 31.09 -32.05 -10.13
C MET A 53 31.33 -33.51 -9.70
N THR A 54 32.14 -33.73 -8.66
CA THR A 54 32.44 -35.07 -8.18
C THR A 54 31.17 -35.88 -7.86
N GLN A 55 30.17 -35.21 -7.25
CA GLN A 55 28.90 -35.82 -6.88
C GLN A 55 28.00 -36.19 -8.06
N ASP A 56 28.32 -35.69 -9.27
CA ASP A 56 27.57 -36.02 -10.47
C ASP A 56 27.75 -37.46 -10.94
N PHE A 57 28.79 -38.13 -10.47
CA PHE A 57 29.07 -39.50 -10.83
C PHE A 57 28.22 -40.46 -10.00
N TYR A 58 27.61 -41.45 -10.66
CA TYR A 58 26.77 -42.47 -10.03
C TYR A 58 27.63 -43.44 -9.27
N SER A 59 28.68 -43.95 -9.92
CA SER A 59 29.56 -44.96 -9.38
C SER A 59 30.49 -44.43 -8.31
N ARG A 60 30.55 -45.12 -7.18
CA ARG A 60 31.46 -44.75 -6.10
C ARG A 60 32.93 -44.76 -6.55
N PRO A 61 33.41 -45.82 -7.23
CA PRO A 61 34.79 -45.80 -7.72
C PRO A 61 35.12 -44.60 -8.62
N HIS A 62 34.19 -44.19 -9.49
CA HIS A 62 34.41 -43.04 -10.38
C HIS A 62 34.46 -41.72 -9.63
N ARG A 63 33.73 -41.61 -8.53
CA ARG A 63 33.74 -40.39 -7.71
C ARG A 63 35.11 -40.22 -7.08
N LEU A 64 35.66 -41.32 -6.54
CA LEU A 64 36.97 -41.30 -5.91
C LEU A 64 38.05 -41.00 -6.93
N ILE A 65 37.95 -41.60 -8.13
CA ILE A 65 38.90 -41.36 -9.19
C ILE A 65 38.83 -39.92 -9.66
N PHE A 66 37.61 -39.42 -9.89
CA PHE A 66 37.42 -38.04 -10.33
C PHE A 66 37.89 -37.04 -9.30
N ASP A 67 37.72 -37.34 -8.01
CA ASP A 67 38.21 -36.48 -6.92
C ASP A 67 39.74 -36.37 -6.98
N GLY A 68 40.40 -37.48 -7.31
CA GLY A 68 41.84 -37.54 -7.48
C GLY A 68 42.28 -36.70 -8.66
N VAL A 69 41.55 -36.81 -9.78
CA VAL A 69 41.81 -36.03 -11.00
C VAL A 69 41.69 -34.54 -10.68
N LYS A 70 40.61 -34.15 -9.98
CA LYS A 70 40.37 -32.76 -9.58
C LYS A 70 41.51 -32.20 -8.73
N SER A 71 41.95 -32.93 -7.71
CA SER A 71 43.02 -32.51 -6.80
C SER A 71 44.36 -32.32 -7.49
N ILE A 72 44.70 -33.22 -8.40
CA ILE A 72 45.96 -33.15 -9.13
C ILE A 72 45.99 -31.97 -10.09
N LEU A 73 44.92 -31.82 -10.89
CA LEU A 73 44.82 -30.75 -11.87
C LEU A 73 44.69 -29.37 -11.25
N GLU A 74 43.94 -29.25 -10.15
CA GLU A 74 43.83 -27.97 -9.42
C GLU A 74 45.19 -27.55 -8.85
N ALA A 75 46.01 -28.53 -8.47
CA ALA A 75 47.36 -28.27 -7.97
C ALA A 75 48.36 -27.93 -9.10
N GLY A 76 47.93 -27.99 -10.35
CA GLY A 76 48.79 -27.72 -11.51
C GLY A 76 49.72 -28.86 -11.84
N LYS A 77 49.50 -30.06 -11.28
CA LYS A 77 50.34 -31.22 -11.52
C LYS A 77 49.86 -31.98 -12.74
N PRO A 78 50.77 -32.59 -13.51
CA PRO A 78 50.35 -33.36 -14.69
C PRO A 78 49.55 -34.60 -14.28
N LEU A 79 48.40 -34.79 -14.91
CA LEU A 79 47.55 -35.93 -14.62
C LEU A 79 47.89 -37.07 -15.56
N ASP A 80 48.43 -38.16 -15.01
CA ASP A 80 48.73 -39.38 -15.75
C ASP A 80 48.31 -40.60 -14.91
N LEU A 81 48.32 -41.79 -15.51
CA LEU A 81 47.91 -43.02 -14.84
C LEU A 81 48.71 -43.29 -13.57
N ILE A 82 50.02 -43.04 -13.58
CA ILE A 82 50.89 -43.27 -12.45
C ILE A 82 50.61 -42.28 -11.33
N THR A 83 50.53 -40.98 -11.66
CA THR A 83 50.28 -39.94 -10.67
C THR A 83 48.95 -40.15 -9.97
N LEU A 84 47.91 -40.50 -10.72
CA LEU A 84 46.60 -40.74 -10.17
C LEU A 84 46.59 -41.98 -9.26
N SER A 85 47.30 -43.03 -9.67
CA SER A 85 47.40 -44.27 -8.91
C SER A 85 48.13 -44.02 -7.59
N GLU A 86 49.21 -43.21 -7.63
CA GLU A 86 49.96 -42.88 -6.42
C GLU A 86 49.12 -42.05 -5.47
N TYR A 87 48.33 -41.12 -6.02
CA TYR A 87 47.43 -40.28 -5.25
C TYR A 87 46.41 -41.14 -4.49
N LEU A 88 45.76 -42.06 -5.21
CA LEU A 88 44.76 -42.94 -4.61
C LEU A 88 45.38 -43.92 -3.60
N GLU A 89 46.62 -44.36 -3.85
CA GLU A 89 47.34 -45.29 -2.96
C GLU A 89 47.66 -44.63 -1.64
N GLN A 90 48.04 -43.34 -1.66
CA GLN A 90 48.34 -42.57 -0.45
C GLN A 90 47.13 -42.50 0.48
N ARG A 91 45.93 -42.46 -0.09
CA ARG A 91 44.70 -42.39 0.68
C ARG A 91 44.04 -43.76 0.91
N GLU A 92 44.74 -44.85 0.55
CA GLU A 92 44.24 -46.22 0.65
C GLU A 92 42.90 -46.39 -0.06
N GLN A 93 42.72 -45.68 -1.17
CA GLN A 93 41.49 -45.73 -1.97
C GLN A 93 41.67 -46.48 -3.29
N LEU A 94 42.91 -46.87 -3.65
CA LEU A 94 43.21 -47.57 -4.89
C LEU A 94 42.50 -48.90 -4.99
N GLU A 95 42.42 -49.64 -3.89
CA GLU A 95 41.71 -50.92 -3.87
C GLU A 95 40.19 -50.72 -3.99
N ASP A 96 39.68 -49.61 -3.44
CA ASP A 96 38.27 -49.25 -3.48
C ASP A 96 37.77 -48.90 -4.88
N VAL A 97 38.68 -48.49 -5.77
CA VAL A 97 38.31 -48.12 -7.13
C VAL A 97 38.53 -49.26 -8.14
N GLY A 98 39.13 -50.38 -7.74
CA GLY A 98 39.36 -51.50 -8.64
C GLY A 98 40.81 -51.75 -9.02
N GLY A 99 41.73 -51.03 -8.37
CA GLY A 99 43.16 -51.19 -8.61
C GLY A 99 43.70 -50.44 -9.80
N PHE A 100 45.02 -50.57 -10.03
CA PHE A 100 45.72 -49.94 -11.14
C PHE A 100 45.19 -50.42 -12.49
N ALA A 101 44.81 -51.70 -12.57
CA ALA A 101 44.28 -52.30 -13.79
C ALA A 101 43.03 -51.59 -14.26
N TYR A 102 42.14 -51.21 -13.33
CA TYR A 102 40.90 -50.52 -13.69
C TYR A 102 41.19 -49.12 -14.19
N LEU A 103 42.17 -48.43 -13.59
CA LEU A 103 42.58 -47.10 -14.04
C LEU A 103 43.14 -47.18 -15.46
N ALA A 104 43.94 -48.22 -15.73
CA ALA A 104 44.51 -48.48 -17.06
C ALA A 104 43.43 -48.78 -18.07
N ASP A 105 42.40 -49.52 -17.65
CA ASP A 105 41.26 -49.87 -18.49
C ASP A 105 40.46 -48.62 -18.86
N LEU A 106 40.31 -47.68 -17.92
CA LEU A 106 39.60 -46.42 -18.15
C LEU A 106 40.31 -45.58 -19.21
N ALA A 107 41.64 -45.57 -19.19
CA ALA A 107 42.43 -44.83 -20.16
C ALA A 107 42.41 -45.51 -21.55
N LYS A 108 42.29 -46.85 -21.57
CA LYS A 108 42.27 -47.66 -22.78
C LYS A 108 40.93 -47.65 -23.51
N ASN A 109 39.82 -47.72 -22.78
CA ASN A 109 38.47 -47.82 -23.34
C ASN A 109 37.93 -46.53 -23.99
N THR A 110 38.64 -45.41 -23.85
CA THR A 110 38.23 -44.15 -24.48
C THR A 110 39.40 -43.57 -25.26
N PRO A 111 39.66 -44.08 -26.46
CA PRO A 111 40.77 -43.54 -27.27
C PRO A 111 40.42 -42.25 -28.02
N SER A 112 39.15 -41.81 -27.95
CA SER A 112 38.69 -40.64 -28.66
C SER A 112 38.64 -39.37 -27.83
N ALA A 113 39.22 -38.31 -28.38
CA ALA A 113 39.25 -36.97 -27.78
C ALA A 113 38.21 -36.05 -28.51
N ALA A 114 37.97 -34.81 -28.00
CA ALA A 114 37.04 -33.79 -28.50
C ALA A 114 35.56 -34.10 -28.22
N ASN A 115 35.25 -35.27 -27.67
CA ASN A 115 33.89 -35.66 -27.28
C ASN A 115 33.70 -35.65 -25.76
N ILE A 116 34.75 -35.33 -25.00
CA ILE A 116 34.77 -35.32 -23.53
C ILE A 116 33.71 -34.36 -22.98
N ASN A 117 33.48 -33.23 -23.66
CA ASN A 117 32.48 -32.25 -23.25
C ASN A 117 31.06 -32.82 -23.39
N ALA A 118 30.83 -33.61 -24.44
CA ALA A 118 29.54 -34.24 -24.66
C ALA A 118 29.27 -35.28 -23.56
N TYR A 119 30.29 -36.07 -23.18
CA TYR A 119 30.17 -37.06 -22.12
C TYR A 119 29.95 -36.37 -20.77
N ALA A 120 30.61 -35.22 -20.55
CA ALA A 120 30.44 -34.44 -19.33
C ALA A 120 28.99 -33.94 -19.22
N GLU A 121 28.38 -33.55 -20.33
CA GLU A 121 26.99 -33.10 -20.34
C GLU A 121 26.05 -34.25 -20.02
N ILE A 122 26.33 -35.46 -20.52
CA ILE A 122 25.53 -36.64 -20.26
C ILE A 122 25.59 -37.00 -18.77
N VAL A 123 26.78 -36.96 -18.18
CA VAL A 123 26.98 -37.25 -16.76
C VAL A 123 26.21 -36.22 -15.91
N ALA A 124 26.26 -34.94 -16.30
CA ALA A 124 25.55 -33.89 -15.59
C ALA A 124 24.04 -34.06 -15.71
N GLU A 125 23.55 -34.44 -16.91
CA GLU A 125 22.13 -34.66 -17.16
C GLU A 125 21.62 -35.82 -16.31
N ARG A 126 22.39 -36.89 -16.23
CA ARG A 126 22.01 -38.05 -15.44
C ARG A 126 21.96 -37.69 -13.96
N ALA A 127 22.94 -36.92 -13.50
CA ALA A 127 22.99 -36.46 -12.11
C ALA A 127 21.76 -35.60 -11.79
N LEU A 128 21.33 -34.77 -12.75
CA LEU A 128 20.15 -33.93 -12.58
C LEU A 128 18.89 -34.77 -12.38
N VAL A 129 18.70 -35.80 -13.22
CA VAL A 129 17.54 -36.70 -13.10
C VAL A 129 17.62 -37.49 -11.79
N ARG A 130 18.85 -37.89 -11.39
CA ARG A 130 19.08 -38.61 -10.13
C ARG A 130 18.67 -37.74 -8.95
N ASN A 131 19.03 -36.45 -8.97
CA ASN A 131 18.67 -35.52 -7.91
C ASN A 131 17.16 -35.28 -7.90
N LEU A 132 16.54 -35.20 -9.08
CA LEU A 132 15.11 -35.00 -9.21
C LEU A 132 14.34 -36.18 -8.61
N ILE A 133 14.78 -37.41 -8.88
CA ILE A 133 14.13 -38.60 -8.32
C ILE A 133 14.27 -38.61 -6.80
N GLY A 134 15.46 -38.26 -6.32
CA GLY A 134 15.72 -38.16 -4.89
C GLY A 134 14.81 -37.16 -4.19
N VAL A 135 14.61 -35.99 -4.82
CA VAL A 135 13.74 -34.94 -4.30
C VAL A 135 12.29 -35.41 -4.31
N ALA A 136 11.87 -36.09 -5.40
CA ALA A 136 10.51 -36.60 -5.50
C ALA A 136 10.22 -37.59 -4.38
N ASN A 137 11.19 -38.44 -4.05
CA ASN A 137 11.04 -39.41 -2.98
C ASN A 137 10.96 -38.70 -1.63
N GLU A 138 11.77 -37.65 -1.42
CA GLU A 138 11.77 -36.86 -0.20
C GLU A 138 10.43 -36.17 0.00
N ILE A 139 9.87 -35.62 -1.08
CA ILE A 139 8.57 -34.95 -1.04
C ILE A 139 7.48 -35.97 -0.75
N ALA A 140 7.56 -37.14 -1.39
CA ALA A 140 6.59 -38.21 -1.16
C ALA A 140 6.63 -38.66 0.30
N ASP A 141 7.84 -38.80 0.86
CA ASP A 141 8.05 -39.17 2.25
C ASP A 141 7.47 -38.11 3.18
N ALA A 142 7.69 -36.84 2.85
CA ALA A 142 7.15 -35.72 3.64
C ALA A 142 5.63 -35.69 3.59
N GLY A 143 5.06 -36.05 2.44
CA GLY A 143 3.62 -36.10 2.25
C GLY A 143 3.00 -37.21 3.07
N TYR A 144 3.65 -38.39 3.08
CA TYR A 144 3.17 -39.52 3.86
C TYR A 144 3.36 -39.26 5.35
N ASP A 145 4.52 -38.72 5.72
CA ASP A 145 4.86 -38.42 7.11
C ASP A 145 5.21 -36.94 7.27
N PRO A 146 4.21 -36.10 7.53
CA PRO A 146 4.46 -34.65 7.63
C PRO A 146 5.24 -34.19 8.85
N GLN A 147 5.39 -35.06 9.86
CA GLN A 147 6.14 -34.76 11.10
C GLN A 147 5.79 -33.40 11.72
N GLY A 148 4.51 -33.03 11.70
CA GLY A 148 4.07 -31.78 12.28
C GLY A 148 4.03 -30.58 11.34
N ARG A 149 4.34 -30.80 10.05
CA ARG A 149 4.30 -29.71 9.06
C ARG A 149 2.92 -29.63 8.44
N ASN A 150 2.38 -28.41 8.29
CA ASN A 150 1.07 -28.24 7.64
C ASN A 150 1.22 -28.32 6.11
N ALA A 151 0.11 -28.33 5.36
CA ALA A 151 0.12 -28.42 3.91
C ALA A 151 0.91 -27.28 3.27
N GLU A 152 0.78 -26.06 3.81
CA GLU A 152 1.48 -24.89 3.30
C GLU A 152 3.00 -25.06 3.44
N ASP A 153 3.44 -25.61 4.57
CA ASP A 153 4.86 -25.87 4.84
C ASP A 153 5.40 -26.94 3.90
N LEU A 154 4.61 -27.99 3.63
CA LEU A 154 4.99 -29.06 2.71
C LEU A 154 5.08 -28.54 1.28
N LEU A 155 4.17 -27.63 0.90
CA LEU A 155 4.16 -27.03 -0.42
C LEU A 155 5.40 -26.16 -0.59
N ASP A 156 5.74 -25.37 0.45
CA ASP A 156 6.92 -24.52 0.43
C ASP A 156 8.19 -25.37 0.37
N LEU A 157 8.21 -26.50 1.08
CA LEU A 157 9.34 -27.42 1.09
C LEU A 157 9.52 -28.01 -0.31
N ALA A 158 8.42 -28.44 -0.95
CA ALA A 158 8.46 -29.01 -2.29
C ALA A 158 8.94 -27.98 -3.30
N GLU A 159 8.44 -26.74 -3.20
CA GLU A 159 8.83 -25.67 -4.10
C GLU A 159 10.31 -25.32 -3.92
N SER A 160 10.78 -25.29 -2.68
CA SER A 160 12.17 -24.97 -2.38
C SER A 160 13.13 -26.01 -2.93
N LYS A 161 12.82 -27.31 -2.77
CA LYS A 161 13.69 -28.39 -3.24
C LYS A 161 13.73 -28.47 -4.77
N VAL A 162 12.58 -28.24 -5.41
CA VAL A 162 12.52 -28.26 -6.87
C VAL A 162 13.23 -27.04 -7.45
N PHE A 163 13.03 -25.87 -6.81
CA PHE A 163 13.69 -24.63 -7.21
C PHE A 163 15.22 -24.76 -7.09
N ALA A 164 15.69 -25.50 -6.07
CA ALA A 164 17.12 -25.72 -5.85
C ALA A 164 17.72 -26.53 -6.99
N ILE A 165 16.98 -27.51 -7.52
CA ILE A 165 17.44 -28.34 -8.64
C ILE A 165 17.57 -27.46 -9.89
N ALA A 166 16.57 -26.62 -10.14
CA ALA A 166 16.55 -25.73 -11.29
C ALA A 166 17.64 -24.66 -11.21
N GLU A 167 17.90 -24.15 -10.01
CA GLU A 167 18.90 -23.10 -9.79
C GLU A 167 20.31 -23.58 -10.05
N ALA A 168 20.60 -24.85 -9.74
CA ALA A 168 21.92 -25.41 -9.97
C ALA A 168 22.24 -25.46 -11.46
N ARG A 169 21.24 -25.70 -12.30
CA ARG A 169 21.44 -25.74 -13.74
C ARG A 169 21.04 -24.44 -14.42
N THR A 170 21.06 -23.31 -13.70
CA THR A 170 20.63 -22.05 -14.28
C THR A 170 21.71 -21.40 -15.18
N SER A 171 22.89 -21.05 -14.68
CA SER A 171 23.92 -20.43 -15.52
C SER A 171 25.11 -21.38 -15.49
N GLU A 172 25.03 -22.47 -16.27
CA GLU A 172 26.08 -23.49 -16.26
C GLU A 172 27.23 -23.19 -17.22
N ASN A 173 26.93 -22.84 -18.48
CA ASN A 173 27.97 -22.55 -19.46
C ASN A 173 28.04 -21.05 -19.75
N GLU A 174 28.66 -20.29 -18.86
CA GLU A 174 28.81 -18.86 -19.01
C GLU A 174 30.27 -18.38 -19.03
N GLY A 175 31.21 -19.23 -18.64
CA GLY A 175 32.65 -18.94 -18.58
C GLY A 175 33.27 -18.22 -19.77
N PRO A 176 33.38 -18.88 -20.93
CA PRO A 176 33.97 -18.21 -22.11
C PRO A 176 33.14 -17.03 -22.61
N LYS A 177 33.75 -15.84 -22.59
CA LYS A 177 33.12 -14.61 -23.05
C LYS A 177 34.01 -13.80 -24.02
N ASN A 178 34.14 -14.34 -25.23
CA ASN A 178 34.94 -13.77 -26.30
C ASN A 178 34.25 -12.58 -26.99
N VAL A 179 35.03 -11.65 -27.56
CA VAL A 179 34.54 -10.43 -28.24
C VAL A 179 33.54 -10.69 -29.37
N ASP A 180 33.68 -11.79 -30.11
CA ASP A 180 32.76 -12.10 -31.21
C ASP A 180 31.35 -12.30 -30.68
N SER A 181 31.21 -12.96 -29.53
CA SER A 181 29.90 -13.20 -28.92
C SER A 181 29.30 -11.89 -28.42
N ILE A 182 30.12 -11.04 -27.78
CA ILE A 182 29.65 -9.75 -27.25
C ILE A 182 29.22 -8.81 -28.39
N LEU A 183 29.91 -8.86 -29.53
CA LEU A 183 29.56 -8.03 -30.67
C LEU A 183 28.20 -8.43 -31.22
N GLU A 184 27.93 -9.75 -31.32
CA GLU A 184 26.66 -10.28 -31.81
C GLU A 184 25.52 -9.85 -30.91
N ARG A 185 25.70 -9.96 -29.59
CA ARG A 185 24.68 -9.56 -28.64
C ARG A 185 24.47 -8.04 -28.63
N THR A 186 25.55 -7.28 -28.85
CA THR A 186 25.48 -5.82 -28.92
C THR A 186 24.64 -5.40 -30.12
N LEU A 187 24.90 -6.01 -31.29
CA LEU A 187 24.17 -5.68 -32.52
C LEU A 187 22.71 -6.11 -32.43
N GLU A 188 22.44 -7.26 -31.79
CA GLU A 188 21.08 -7.76 -31.59
C GLU A 188 20.29 -6.76 -30.73
N ARG A 189 20.94 -6.22 -29.68
CA ARG A 189 20.33 -5.25 -28.78
C ARG A 189 20.02 -3.96 -29.51
N ILE A 190 20.97 -3.46 -30.33
CA ILE A 190 20.77 -2.24 -31.11
C ILE A 190 19.64 -2.44 -32.11
N GLU A 191 19.60 -3.60 -32.76
CA GLU A 191 18.56 -3.95 -33.71
C GLU A 191 17.18 -3.92 -33.06
N LEU A 192 17.07 -4.48 -31.84
CA LEU A 192 15.81 -4.50 -31.11
C LEU A 192 15.35 -3.08 -30.75
N LEU A 193 16.28 -2.22 -30.35
CA LEU A 193 15.96 -0.83 -30.00
C LEU A 193 15.48 -0.06 -31.23
N TYR A 194 16.11 -0.30 -32.38
CA TYR A 194 15.75 0.37 -33.62
C TYR A 194 14.39 -0.07 -34.18
N LYS A 195 13.98 -1.32 -33.90
CA LYS A 195 12.69 -1.84 -34.35
C LYS A 195 11.52 -1.25 -33.54
N THR A 196 11.75 -0.96 -32.25
CA THR A 196 10.73 -0.41 -31.38
C THR A 196 10.70 1.13 -31.44
N PRO A 197 9.52 1.76 -31.27
CA PRO A 197 9.47 3.24 -31.31
C PRO A 197 10.30 3.86 -30.20
N GLN A 198 11.36 4.57 -30.58
CA GLN A 198 12.26 5.22 -29.63
C GLN A 198 12.16 6.74 -29.67
N ASP A 199 11.00 7.29 -29.30
CA ASP A 199 10.78 8.75 -29.28
C ASP A 199 11.29 9.36 -27.97
N GLY A 200 12.44 8.87 -27.52
CA GLY A 200 13.06 9.35 -26.29
C GLY A 200 12.94 8.37 -25.14
N VAL A 201 12.10 7.33 -25.27
CA VAL A 201 11.88 6.33 -24.23
C VAL A 201 12.06 4.91 -24.79
N THR A 202 13.08 4.19 -24.30
CA THR A 202 13.35 2.82 -24.75
C THR A 202 12.83 1.74 -23.78
N GLY A 203 12.57 2.12 -22.53
CA GLY A 203 12.08 1.21 -21.50
C GLY A 203 10.66 1.53 -21.06
N VAL A 204 10.37 1.35 -19.76
CA VAL A 204 9.06 1.64 -19.17
C VAL A 204 8.94 3.13 -18.92
N ASN A 205 7.90 3.78 -19.45
CA ASN A 205 7.70 5.23 -19.31
C ASN A 205 7.56 5.68 -17.85
N THR A 206 8.36 6.66 -17.44
CA THR A 206 8.31 7.20 -16.08
C THR A 206 7.15 8.16 -15.84
N GLY A 207 6.58 8.71 -16.91
CA GLY A 207 5.50 9.69 -16.83
C GLY A 207 6.02 11.11 -16.65
N PHE A 208 7.35 11.28 -16.55
CA PHE A 208 8.02 12.57 -16.38
C PHE A 208 8.98 12.77 -17.55
N THR A 209 8.65 13.71 -18.46
CA THR A 209 9.43 14.00 -19.66
C THR A 209 10.89 14.31 -19.36
N ASP A 210 11.14 15.20 -18.40
CA ASP A 210 12.49 15.56 -18.01
C ASP A 210 13.29 14.37 -17.52
N LEU A 211 12.63 13.49 -16.76
CA LEU A 211 13.27 12.29 -16.24
C LEU A 211 13.54 11.29 -17.37
N ASN A 212 12.59 11.13 -18.29
CA ASN A 212 12.75 10.24 -19.44
C ASN A 212 13.86 10.72 -20.35
N LYS A 213 14.06 12.03 -20.48
CA LYS A 213 15.13 12.57 -21.30
C LYS A 213 16.51 12.11 -20.78
N LYS A 214 16.64 11.99 -19.46
CA LYS A 214 17.89 11.57 -18.85
C LYS A 214 18.03 10.05 -18.75
N THR A 215 16.93 9.35 -18.47
CA THR A 215 16.99 7.91 -18.25
C THR A 215 16.56 7.03 -19.40
N ALA A 216 15.92 7.61 -20.40
CA ALA A 216 15.30 6.91 -21.53
C ALA A 216 14.28 5.87 -21.04
N GLY A 217 13.62 6.16 -19.92
CA GLY A 217 12.66 5.26 -19.31
C GLY A 217 13.31 4.32 -18.30
N LEU A 218 12.50 3.45 -17.67
CA LEU A 218 12.95 2.45 -16.71
C LEU A 218 13.32 1.18 -17.49
N GLN A 219 14.62 0.89 -17.61
CA GLN A 219 15.09 -0.23 -18.41
C GLN A 219 14.86 -1.59 -17.79
N GLY A 220 14.66 -2.58 -18.66
CA GLY A 220 14.53 -3.97 -18.24
C GLY A 220 15.84 -4.45 -17.67
N SER A 221 15.78 -5.26 -16.60
CA SER A 221 16.95 -5.79 -15.91
C SER A 221 17.62 -4.81 -14.95
N ASP A 222 17.09 -3.59 -14.81
CA ASP A 222 17.67 -2.59 -13.94
C ASP A 222 17.17 -2.69 -12.51
N LEU A 223 18.10 -2.56 -11.56
CA LEU A 223 17.77 -2.47 -10.14
C LEU A 223 17.84 -0.97 -9.83
N ILE A 224 16.70 -0.37 -9.52
CA ILE A 224 16.60 1.06 -9.25
C ILE A 224 16.39 1.33 -7.78
N ILE A 225 17.29 2.09 -7.16
CA ILE A 225 17.17 2.46 -5.77
C ILE A 225 16.66 3.87 -5.62
N VAL A 226 15.48 4.03 -5.01
CA VAL A 226 14.93 5.35 -4.76
C VAL A 226 15.11 5.59 -3.27
N ALA A 227 15.96 6.55 -2.93
CA ALA A 227 16.26 6.84 -1.54
C ALA A 227 15.90 8.24 -1.14
N ALA A 228 15.34 8.40 0.05
CA ALA A 228 14.95 9.71 0.55
C ALA A 228 14.84 9.70 2.06
N ARG A 229 14.95 10.88 2.67
CA ARG A 229 14.73 11.05 4.10
C ARG A 229 13.20 10.91 4.35
N PRO A 230 12.75 10.65 5.59
CA PRO A 230 11.30 10.52 5.82
C PRO A 230 10.51 11.77 5.42
N SER A 231 9.32 11.56 4.83
CA SER A 231 8.38 12.59 4.38
C SER A 231 8.84 13.38 3.15
N MET A 232 9.88 12.90 2.45
CA MET A 232 10.33 13.53 1.20
C MET A 232 9.46 13.13 -0.01
N GLY A 233 8.53 12.19 0.19
CA GLY A 233 7.65 11.73 -0.88
C GLY A 233 8.22 10.55 -1.63
N LYS A 234 9.00 9.70 -0.95
CA LYS A 234 9.62 8.52 -1.55
C LYS A 234 8.60 7.51 -2.06
N THR A 235 7.63 7.15 -1.22
CA THR A 235 6.57 6.22 -1.61
C THR A 235 5.72 6.85 -2.71
N THR A 236 5.43 8.16 -2.59
CA THR A 236 4.65 8.91 -3.56
C THR A 236 5.28 8.85 -4.96
N PHE A 237 6.60 9.12 -5.05
CA PHE A 237 7.31 9.10 -6.31
C PHE A 237 7.30 7.72 -6.95
N ALA A 238 7.63 6.68 -6.18
CA ALA A 238 7.65 5.31 -6.68
C ALA A 238 6.29 4.86 -7.17
N MET A 239 5.23 5.28 -6.49
CA MET A 239 3.88 4.93 -6.88
C MET A 239 3.44 5.61 -8.15
N ASN A 240 3.90 6.85 -8.40
CA ASN A 240 3.60 7.52 -9.66
C ASN A 240 4.23 6.77 -10.83
N LEU A 241 5.44 6.20 -10.62
CA LEU A 241 6.11 5.37 -11.62
C LEU A 241 5.27 4.13 -11.90
N CYS A 242 4.72 3.52 -10.84
CA CYS A 242 3.86 2.34 -10.95
C CYS A 242 2.56 2.69 -11.69
N GLU A 243 1.93 3.82 -11.35
CA GLU A 243 0.69 4.28 -11.97
C GLU A 243 0.89 4.48 -13.47
N ASN A 244 2.01 5.13 -13.85
CA ASN A 244 2.32 5.37 -15.26
C ASN A 244 2.56 4.07 -16.00
N ALA A 245 3.27 3.12 -15.37
CA ALA A 245 3.53 1.81 -15.98
C ALA A 245 2.22 1.04 -16.16
N ALA A 246 1.32 1.14 -15.18
CA ALA A 246 0.02 0.46 -15.22
C ALA A 246 -0.88 1.04 -16.30
N MET A 247 -0.82 2.35 -16.53
CA MET A 247 -1.68 2.99 -17.52
C MET A 247 -1.12 2.89 -18.95
N GLU A 248 0.19 2.75 -19.11
CA GLU A 248 0.81 2.71 -20.43
C GLU A 248 1.19 1.33 -20.94
N GLN A 249 1.29 0.35 -20.03
CA GLN A 249 1.69 -1.00 -20.45
C GLN A 249 0.56 -2.02 -20.29
N ASP A 250 0.60 -3.05 -21.13
CA ASP A 250 -0.36 -4.15 -21.07
C ASP A 250 0.02 -5.15 -19.97
N LYS A 251 1.33 -5.34 -19.75
CA LYS A 251 1.87 -6.23 -18.74
C LYS A 251 1.59 -5.67 -17.32
N PRO A 252 1.43 -6.55 -16.31
CA PRO A 252 1.10 -6.07 -14.97
C PRO A 252 2.22 -5.47 -14.14
N VAL A 253 1.85 -4.61 -13.19
CA VAL A 253 2.75 -3.99 -12.23
C VAL A 253 2.60 -4.76 -10.92
N LEU A 254 3.72 -5.17 -10.31
CA LEU A 254 3.68 -5.90 -9.04
C LEU A 254 4.27 -5.07 -7.92
N ILE A 255 3.49 -4.83 -6.86
CA ILE A 255 3.92 -4.01 -5.73
C ILE A 255 4.03 -4.82 -4.45
N PHE A 256 5.22 -4.84 -3.85
CA PHE A 256 5.45 -5.48 -2.57
C PHE A 256 5.46 -4.38 -1.52
N SER A 257 4.29 -4.11 -0.94
CA SER A 257 4.14 -3.08 0.09
C SER A 257 4.41 -3.69 1.45
N LEU A 258 5.66 -3.63 1.89
CA LEU A 258 6.07 -4.22 3.16
C LEU A 258 5.71 -3.35 4.37
N GLU A 259 5.57 -2.04 4.16
CA GLU A 259 5.28 -1.11 5.24
C GLU A 259 3.78 -0.78 5.34
N MET A 260 3.15 -0.43 4.21
CA MET A 260 1.75 -0.02 4.18
C MET A 260 0.80 -1.10 3.70
N PRO A 261 -0.44 -1.11 4.21
CA PRO A 261 -1.42 -2.08 3.69
C PRO A 261 -1.88 -1.72 2.28
N ALA A 262 -2.47 -2.70 1.58
CA ALA A 262 -2.97 -2.53 0.21
C ALA A 262 -4.06 -1.45 0.13
N GLU A 263 -4.90 -1.35 1.15
CA GLU A 263 -5.97 -0.36 1.17
C GLU A 263 -5.40 1.06 1.17
N GLN A 264 -4.35 1.28 1.97
CA GLN A 264 -3.71 2.58 2.04
C GLN A 264 -3.04 2.94 0.74
N ILE A 265 -2.36 1.98 0.09
CA ILE A 265 -1.70 2.24 -1.20
C ILE A 265 -2.74 2.63 -2.25
N MET A 266 -3.88 1.92 -2.27
CA MET A 266 -4.96 2.20 -3.19
C MET A 266 -5.58 3.57 -2.96
N MET A 267 -5.78 3.97 -1.69
CA MET A 267 -6.34 5.27 -1.36
C MET A 267 -5.43 6.40 -1.85
N ARG A 268 -4.12 6.24 -1.66
CA ARG A 268 -3.14 7.21 -2.14
C ARG A 268 -3.13 7.27 -3.67
N MET A 269 -3.29 6.10 -4.31
CA MET A 269 -3.36 6.01 -5.77
C MET A 269 -4.60 6.75 -6.26
N LEU A 270 -5.74 6.59 -5.57
CA LEU A 270 -6.99 7.26 -5.92
C LEU A 270 -6.81 8.76 -5.78
N ALA A 271 -6.14 9.21 -4.72
CA ALA A 271 -5.87 10.63 -4.52
C ALA A 271 -5.02 11.18 -5.67
N SER A 272 -4.03 10.40 -6.12
CA SER A 272 -3.14 10.79 -7.19
C SER A 272 -3.79 10.86 -8.57
N LEU A 273 -4.36 9.76 -9.05
CA LEU A 273 -4.96 9.69 -10.39
C LEU A 273 -6.19 10.57 -10.54
N SER A 274 -6.97 10.72 -9.48
CA SER A 274 -8.18 11.53 -9.52
C SER A 274 -7.95 13.00 -9.17
N ARG A 275 -6.76 13.34 -8.64
CA ARG A 275 -6.41 14.68 -8.20
C ARG A 275 -7.40 15.18 -7.15
N VAL A 276 -7.82 14.28 -6.24
CA VAL A 276 -8.73 14.58 -5.14
C VAL A 276 -7.89 14.67 -3.87
N ASP A 277 -8.19 15.64 -2.98
CA ASP A 277 -7.47 15.81 -1.73
C ASP A 277 -7.45 14.52 -0.92
N GLN A 278 -6.26 14.07 -0.58
CA GLN A 278 -6.04 12.84 0.19
C GLN A 278 -6.73 12.90 1.53
N THR A 279 -6.71 14.08 2.19
CA THR A 279 -7.38 14.27 3.47
C THR A 279 -8.88 14.08 3.31
N LYS A 280 -9.46 14.59 2.22
CA LYS A 280 -10.89 14.43 1.94
C LYS A 280 -11.26 12.97 1.79
N ILE A 281 -10.41 12.18 1.15
CA ILE A 281 -10.63 10.75 0.98
C ILE A 281 -10.62 10.07 2.35
N ARG A 282 -9.65 10.43 3.18
CA ARG A 282 -9.52 9.88 4.51
C ARG A 282 -10.71 10.25 5.41
N THR A 283 -11.10 11.51 5.40
CA THR A 283 -12.19 12.01 6.23
C THR A 283 -13.58 11.68 5.69
N GLY A 284 -13.68 11.34 4.42
CA GLY A 284 -14.95 11.05 3.79
C GLY A 284 -15.72 12.28 3.35
N GLN A 285 -15.13 13.49 3.49
CA GLN A 285 -15.81 14.72 3.07
C GLN A 285 -15.59 14.97 1.57
N LEU A 286 -16.17 14.10 0.75
CA LEU A 286 -16.05 14.19 -0.69
C LEU A 286 -17.27 14.86 -1.28
N ASP A 287 -17.07 15.88 -2.11
CA ASP A 287 -18.17 16.54 -2.79
C ASP A 287 -18.59 15.73 -4.04
N ASP A 288 -19.67 16.15 -4.73
CA ASP A 288 -20.17 15.47 -5.93
C ASP A 288 -19.08 15.34 -6.99
N GLU A 289 -18.27 16.38 -7.15
CA GLU A 289 -17.19 16.38 -8.12
C GLU A 289 -16.10 15.39 -7.75
N ASP A 290 -15.77 15.32 -6.46
CA ASP A 290 -14.77 14.40 -5.94
C ASP A 290 -15.19 12.96 -6.17
N TRP A 291 -16.47 12.64 -5.92
CA TRP A 291 -16.97 11.29 -6.13
C TRP A 291 -16.94 10.90 -7.60
N ALA A 292 -17.29 11.83 -8.48
CA ALA A 292 -17.29 11.56 -9.91
C ALA A 292 -15.88 11.25 -10.44
N ARG A 293 -14.86 11.98 -9.94
CA ARG A 293 -13.47 11.77 -10.35
C ARG A 293 -12.93 10.45 -9.83
N ILE A 294 -13.21 10.13 -8.55
CA ILE A 294 -12.78 8.87 -7.94
C ILE A 294 -13.40 7.70 -8.67
N SER A 295 -14.70 7.80 -8.96
CA SER A 295 -15.43 6.75 -9.66
C SER A 295 -14.89 6.50 -11.05
N SER A 296 -14.58 7.56 -11.79
CA SER A 296 -14.03 7.44 -13.14
C SER A 296 -12.66 6.76 -13.09
N THR A 297 -11.84 7.13 -12.12
CA THR A 297 -10.51 6.55 -11.94
C THR A 297 -10.63 5.06 -11.62
N MET A 298 -11.56 4.69 -10.73
CA MET A 298 -11.78 3.30 -10.36
C MET A 298 -12.21 2.48 -11.57
N GLY A 299 -13.09 3.05 -12.40
CA GLY A 299 -13.56 2.40 -13.61
C GLY A 299 -12.42 2.02 -14.55
N ILE A 300 -11.44 2.91 -14.68
CA ILE A 300 -10.27 2.68 -15.53
C ILE A 300 -9.37 1.61 -14.92
N LEU A 301 -9.10 1.71 -13.61
CA LEU A 301 -8.25 0.74 -12.91
C LEU A 301 -8.81 -0.66 -13.03
N MET A 302 -10.14 -0.79 -12.92
CA MET A 302 -10.81 -2.08 -13.05
C MET A 302 -10.77 -2.59 -14.48
N GLU A 303 -10.85 -1.69 -15.46
CA GLU A 303 -10.78 -2.07 -16.86
C GLU A 303 -9.38 -2.61 -17.17
N LYS A 304 -8.34 -1.98 -16.62
CA LYS A 304 -6.97 -2.38 -16.86
C LYS A 304 -6.58 -3.67 -16.15
N LYS A 305 -6.94 -3.81 -14.85
CA LYS A 305 -6.63 -4.99 -14.03
C LYS A 305 -5.16 -5.40 -14.11
N ASN A 306 -4.27 -4.44 -14.36
CA ASN A 306 -2.86 -4.73 -14.56
C ASN A 306 -2.00 -4.38 -13.35
N MET A 307 -2.54 -4.52 -12.14
CA MET A 307 -1.78 -4.21 -10.93
C MET A 307 -2.03 -5.23 -9.82
N TYR A 308 -0.96 -5.68 -9.18
CA TYR A 308 -1.03 -6.62 -8.06
C TYR A 308 -0.39 -6.00 -6.83
N ILE A 309 -1.05 -6.11 -5.66
CA ILE A 309 -0.51 -5.56 -4.43
C ILE A 309 -0.34 -6.65 -3.37
N ASP A 310 0.90 -6.89 -2.98
CA ASP A 310 1.24 -7.87 -1.95
C ASP A 310 1.69 -7.13 -0.70
N ASP A 311 0.88 -7.16 0.36
CA ASP A 311 1.18 -6.46 1.59
C ASP A 311 1.72 -7.35 2.70
N SER A 312 2.32 -8.51 2.35
CA SER A 312 2.88 -9.43 3.34
C SER A 312 4.14 -8.83 3.95
N SER A 313 4.30 -8.95 5.27
CA SER A 313 5.46 -8.39 5.96
C SER A 313 6.62 -9.39 6.06
N GLY A 314 7.83 -8.86 6.21
CA GLY A 314 9.06 -9.65 6.37
C GLY A 314 9.30 -10.70 5.31
N LEU A 315 9.08 -10.34 4.04
CA LEU A 315 9.27 -11.27 2.94
C LEU A 315 10.75 -11.54 2.68
N THR A 316 11.09 -12.77 2.32
CA THR A 316 12.47 -13.11 1.98
C THR A 316 12.67 -12.90 0.48
N PRO A 317 13.91 -12.66 0.01
CA PRO A 317 14.14 -12.52 -1.44
C PRO A 317 13.60 -13.70 -2.25
N THR A 318 13.62 -14.92 -1.68
CA THR A 318 13.11 -16.11 -2.33
C THR A 318 11.59 -16.02 -2.51
N GLU A 319 10.88 -15.57 -1.48
CA GLU A 319 9.43 -15.41 -1.53
C GLU A 319 9.04 -14.35 -2.56
N VAL A 320 9.79 -13.23 -2.59
CA VAL A 320 9.56 -12.15 -3.55
C VAL A 320 9.72 -12.68 -4.98
N ARG A 321 10.80 -13.44 -5.21
CA ARG A 321 11.08 -14.03 -6.50
C ARG A 321 9.99 -15.03 -6.92
N SER A 322 9.55 -15.87 -5.98
CA SER A 322 8.53 -16.88 -6.21
C SER A 322 7.20 -16.26 -6.65
N ARG A 323 6.74 -15.24 -5.92
CA ARG A 323 5.48 -14.58 -6.24
C ARG A 323 5.56 -13.81 -7.55
N ALA A 324 6.72 -13.20 -7.83
CA ALA A 324 6.92 -12.48 -9.07
C ALA A 324 6.84 -13.41 -10.28
N ARG A 325 7.45 -14.60 -10.18
CA ARG A 325 7.43 -15.59 -11.24
C ARG A 325 6.01 -16.09 -11.50
N ARG A 326 5.24 -16.30 -10.43
CA ARG A 326 3.85 -16.75 -10.52
C ARG A 326 3.01 -15.81 -11.37
N ILE A 327 3.11 -14.51 -11.11
CA ILE A 327 2.35 -13.52 -11.84
C ILE A 327 2.86 -13.34 -13.25
N ALA A 328 4.18 -13.35 -13.42
CA ALA A 328 4.80 -13.20 -14.74
C ALA A 328 4.36 -14.31 -15.69
N ARG A 329 4.19 -15.53 -15.18
CA ARG A 329 3.76 -16.67 -16.00
C ARG A 329 2.35 -16.48 -16.57
N GLU A 330 1.47 -15.80 -15.83
CA GLU A 330 0.11 -15.57 -16.27
C GLU A 330 0.01 -14.57 -17.42
N HIS A 331 0.96 -13.63 -17.50
CA HIS A 331 0.89 -12.58 -18.51
C HIS A 331 2.06 -12.54 -19.50
N GLY A 332 2.95 -13.51 -19.43
CA GLY A 332 4.12 -13.55 -20.31
C GLY A 332 5.18 -12.51 -19.98
N GLY A 333 5.16 -12.01 -18.74
CA GLY A 333 6.10 -11.01 -18.27
C GLY A 333 5.50 -9.98 -17.34
N LEU A 334 6.34 -9.08 -16.79
CA LEU A 334 5.92 -8.01 -15.90
C LEU A 334 6.40 -6.66 -16.43
N SER A 335 5.62 -5.60 -16.18
CA SER A 335 6.01 -4.26 -16.61
C SER A 335 6.96 -3.64 -15.60
N LEU A 336 6.69 -3.82 -14.30
CA LEU A 336 7.53 -3.23 -13.24
C LEU A 336 7.32 -3.93 -11.90
N ILE A 337 8.40 -4.09 -11.11
CA ILE A 337 8.33 -4.66 -9.77
C ILE A 337 8.75 -3.58 -8.78
N MET A 338 7.90 -3.24 -7.82
CA MET A 338 8.23 -2.25 -6.81
C MET A 338 8.30 -2.93 -5.45
N VAL A 339 9.40 -2.74 -4.73
CA VAL A 339 9.60 -3.29 -3.39
C VAL A 339 9.68 -2.08 -2.45
N ASP A 340 8.64 -1.89 -1.62
CA ASP A 340 8.49 -0.71 -0.77
C ASP A 340 9.71 -0.31 0.10
N TYR A 341 10.29 -1.17 0.94
CA TYR A 341 11.44 -0.76 1.75
C TYR A 341 12.39 -1.93 1.78
N LEU A 342 13.56 -1.80 1.16
CA LEU A 342 14.55 -2.87 1.09
C LEU A 342 14.94 -3.42 2.46
N GLN A 343 15.10 -2.52 3.43
CA GLN A 343 15.50 -2.81 4.80
C GLN A 343 14.48 -3.65 5.56
N LEU A 344 13.21 -3.64 5.14
CA LEU A 344 12.17 -4.43 5.80
C LEU A 344 12.19 -5.91 5.44
N MET A 345 12.89 -6.27 4.36
CA MET A 345 13.02 -7.66 3.96
C MET A 345 13.94 -8.40 4.92
N ARG A 346 13.87 -9.74 4.91
CA ARG A 346 14.69 -10.54 5.79
C ARG A 346 15.41 -11.68 5.08
N VAL A 347 16.56 -12.08 5.60
CA VAL A 347 17.38 -13.19 5.13
C VAL A 347 17.73 -14.03 6.34
N PRO A 348 16.94 -15.10 6.59
CA PRO A 348 17.19 -15.94 7.77
C PRO A 348 18.61 -16.46 7.92
N ALA A 349 19.32 -16.67 6.80
CA ALA A 349 20.69 -17.17 6.84
C ALA A 349 21.71 -16.10 7.27
N LEU A 350 21.35 -14.81 7.20
CA LEU A 350 22.28 -13.73 7.54
C LEU A 350 21.79 -12.83 8.69
N THR A 351 21.11 -13.43 9.67
CA THR A 351 20.59 -12.67 10.81
C THR A 351 21.70 -12.07 11.68
N ASP A 352 22.89 -12.67 11.66
CA ASP A 352 24.02 -12.19 12.44
C ASP A 352 24.65 -10.89 11.92
N ASN A 353 24.35 -10.50 10.67
CA ASN A 353 24.92 -9.28 10.10
C ASN A 353 23.91 -8.55 9.21
N ARG A 354 23.41 -7.39 9.67
CA ARG A 354 22.44 -6.56 8.95
C ARG A 354 22.99 -6.02 7.64
N THR A 355 24.25 -5.55 7.65
CA THR A 355 24.90 -5.01 6.45
C THR A 355 24.97 -6.07 5.35
N LEU A 356 25.42 -7.28 5.70
CA LEU A 356 25.50 -8.38 4.76
C LEU A 356 24.11 -8.83 4.31
N GLU A 357 23.13 -8.79 5.23
CA GLU A 357 21.76 -9.15 4.93
C GLU A 357 21.18 -8.22 3.86
N ILE A 358 21.37 -6.90 4.02
CA ILE A 358 20.90 -5.90 3.08
C ILE A 358 21.63 -6.02 1.74
N ALA A 359 22.94 -6.31 1.79
CA ALA A 359 23.74 -6.50 0.58
C ALA A 359 23.23 -7.70 -0.22
N GLU A 360 22.87 -8.80 0.47
CA GLU A 360 22.33 -9.99 -0.19
C GLU A 360 20.98 -9.72 -0.81
N ILE A 361 20.13 -8.95 -0.11
CA ILE A 361 18.81 -8.57 -0.63
C ILE A 361 18.99 -7.76 -1.92
N SER A 362 19.92 -6.80 -1.90
CA SER A 362 20.20 -5.98 -3.06
C SER A 362 20.68 -6.84 -4.25
N ARG A 363 21.58 -7.81 -3.99
CA ARG A 363 22.08 -8.70 -5.03
C ARG A 363 20.96 -9.58 -5.59
N SER A 364 20.08 -10.08 -4.71
CA SER A 364 18.97 -10.94 -5.08
C SER A 364 17.96 -10.19 -5.94
N LEU A 365 17.67 -8.93 -5.61
CA LEU A 365 16.74 -8.13 -6.38
C LEU A 365 17.29 -7.81 -7.76
N LYS A 366 18.62 -7.58 -7.87
CA LYS A 366 19.27 -7.35 -9.15
C LYS A 366 19.18 -8.63 -10.00
N ALA A 367 19.40 -9.79 -9.37
CA ALA A 367 19.28 -11.08 -10.04
C ALA A 367 17.85 -11.29 -10.52
N LEU A 368 16.87 -10.87 -9.71
CA LEU A 368 15.46 -10.97 -10.07
C LEU A 368 15.17 -10.10 -11.28
N ALA A 369 15.70 -8.87 -11.31
CA ALA A 369 15.52 -7.96 -12.43
C ALA A 369 16.06 -8.57 -13.73
N LYS A 370 17.23 -9.20 -13.68
CA LYS A 370 17.83 -9.82 -14.86
C LYS A 370 17.08 -11.09 -15.28
N GLU A 371 16.64 -11.87 -14.30
CA GLU A 371 15.93 -13.12 -14.53
C GLU A 371 14.62 -12.91 -15.28
N LEU A 372 13.82 -11.93 -14.83
CA LEU A 372 12.53 -11.67 -15.47
C LEU A 372 12.57 -10.56 -16.52
N ASN A 373 13.73 -9.91 -16.73
CA ASN A 373 13.91 -8.80 -17.67
C ASN A 373 12.90 -7.70 -17.37
N VAL A 374 12.84 -7.29 -16.09
CA VAL A 374 11.89 -6.28 -15.62
C VAL A 374 12.60 -5.24 -14.74
N PRO A 375 12.24 -3.94 -14.84
CA PRO A 375 12.83 -2.97 -13.92
C PRO A 375 12.33 -3.21 -12.49
N VAL A 376 13.25 -3.27 -11.53
CA VAL A 376 12.90 -3.48 -10.13
C VAL A 376 13.20 -2.22 -9.33
N VAL A 377 12.15 -1.54 -8.84
CA VAL A 377 12.29 -0.34 -8.05
C VAL A 377 12.27 -0.72 -6.57
N ALA A 378 13.33 -0.39 -5.84
CA ALA A 378 13.43 -0.69 -4.42
C ALA A 378 13.62 0.60 -3.64
N LEU A 379 12.74 0.86 -2.65
CA LEU A 379 12.85 2.06 -1.84
C LEU A 379 13.80 1.86 -0.68
N SER A 380 14.64 2.87 -0.41
CA SER A 380 15.62 2.82 0.66
C SER A 380 15.65 4.12 1.47
N GLN A 381 16.04 4.04 2.74
CA GLN A 381 16.13 5.23 3.58
C GLN A 381 17.54 5.77 3.60
N LEU A 382 17.67 7.09 3.66
CA LEU A 382 18.98 7.71 3.75
C LEU A 382 19.49 7.62 5.20
N ASN A 383 20.82 7.49 5.38
CA ASN A 383 21.40 7.37 6.70
C ASN A 383 21.18 8.61 7.54
N ARG A 384 21.02 8.41 8.85
CA ARG A 384 20.78 9.47 9.83
C ARG A 384 21.90 10.50 9.89
N SER A 385 23.12 10.11 9.51
CA SER A 385 24.28 11.00 9.49
C SER A 385 24.07 12.23 8.61
N LEU A 386 23.23 12.11 7.58
CA LEU A 386 22.94 13.19 6.66
C LEU A 386 22.28 14.37 7.38
N GLU A 387 21.43 14.10 8.36
CA GLU A 387 20.77 15.17 9.12
C GLU A 387 21.74 15.95 9.98
N GLN A 388 22.83 15.31 10.43
CA GLN A 388 23.86 16.00 11.20
C GLN A 388 24.59 17.01 10.31
N ARG A 389 24.78 16.69 9.02
CA ARG A 389 25.43 17.60 8.10
C ARG A 389 24.45 18.69 7.64
N ALA A 390 23.29 18.26 7.07
CA ALA A 390 22.19 19.08 6.56
C ALA A 390 22.60 20.32 5.77
N ASP A 391 23.78 20.28 5.16
CA ASP A 391 24.28 21.43 4.40
C ASP A 391 24.22 21.25 2.89
N LYS A 392 24.20 20.00 2.41
CA LYS A 392 24.16 19.74 0.98
C LYS A 392 23.12 18.66 0.60
N ARG A 393 22.97 18.40 -0.70
CA ARG A 393 22.06 17.39 -1.24
C ARG A 393 22.54 15.97 -0.88
N PRO A 394 21.62 14.98 -0.86
CA PRO A 394 22.05 13.61 -0.55
C PRO A 394 23.02 13.06 -1.59
N VAL A 395 23.95 12.22 -1.14
CA VAL A 395 24.94 11.61 -2.01
C VAL A 395 24.97 10.08 -1.82
N ASN A 396 25.70 9.37 -2.70
CA ASN A 396 25.83 7.92 -2.67
C ASN A 396 26.38 7.40 -1.34
N SER A 397 27.28 8.17 -0.71
CA SER A 397 27.85 7.77 0.58
C SER A 397 26.79 7.62 1.68
N ASP A 398 25.70 8.37 1.58
CA ASP A 398 24.59 8.29 2.53
C ASP A 398 23.88 6.93 2.49
N LEU A 399 23.98 6.21 1.37
CA LEU A 399 23.37 4.90 1.21
C LEU A 399 24.36 3.78 1.51
N ARG A 400 25.66 4.01 1.24
CA ARG A 400 26.70 3.00 1.50
C ARG A 400 26.74 2.58 2.96
N GLU A 401 26.42 3.49 3.88
CA GLU A 401 26.38 3.20 5.31
C GLU A 401 25.24 2.24 5.70
N SER A 402 24.33 1.92 4.77
CA SER A 402 23.18 1.07 5.07
C SER A 402 23.14 -0.26 4.31
N GLY A 403 24.29 -0.80 3.88
CA GLY A 403 24.32 -2.10 3.22
C GLY A 403 25.01 -2.22 1.88
N SER A 404 25.83 -1.20 1.51
CA SER A 404 26.59 -1.16 0.25
C SER A 404 25.72 -1.45 -0.97
N ILE A 405 24.48 -0.95 -0.97
CA ILE A 405 23.54 -1.20 -2.05
C ILE A 405 23.91 -0.52 -3.38
N GLU A 406 24.83 0.46 -3.34
CA GLU A 406 25.29 1.19 -4.53
C GLU A 406 25.91 0.29 -5.56
N GLN A 407 26.70 -0.69 -5.13
CA GLN A 407 27.41 -1.61 -6.02
C GLN A 407 26.49 -2.43 -6.92
N ASP A 408 25.31 -2.74 -6.43
CA ASP A 408 24.36 -3.56 -7.16
C ASP A 408 23.33 -2.77 -7.95
N ALA A 409 23.08 -1.51 -7.58
CA ALA A 409 22.10 -0.68 -8.25
C ALA A 409 22.56 -0.21 -9.63
N ASP A 410 21.68 -0.31 -10.62
CA ASP A 410 21.94 0.18 -11.97
C ASP A 410 21.57 1.69 -12.05
N LEU A 411 20.59 2.14 -11.26
CA LEU A 411 20.14 3.52 -11.18
C LEU A 411 19.82 3.89 -9.73
N ILE A 412 20.36 5.02 -9.25
CA ILE A 412 20.10 5.54 -7.91
C ILE A 412 19.48 6.91 -8.03
N MET A 413 18.27 7.08 -7.47
CA MET A 413 17.59 8.36 -7.50
C MET A 413 17.32 8.83 -6.06
N PHE A 414 17.69 10.08 -5.76
CA PHE A 414 17.46 10.69 -4.45
C PHE A 414 16.34 11.72 -4.53
N ILE A 415 15.55 11.83 -3.45
CA ILE A 415 14.49 12.83 -3.40
C ILE A 415 14.86 13.90 -2.38
N TYR A 416 14.90 15.15 -2.82
CA TYR A 416 15.28 16.26 -1.94
C TYR A 416 14.25 17.37 -2.00
N ARG A 417 13.75 17.79 -0.84
CA ARG A 417 12.79 18.89 -0.77
C ARG A 417 13.33 19.99 0.13
N ASP A 418 13.72 21.11 -0.49
CA ASP A 418 14.26 22.25 0.22
C ASP A 418 13.27 22.83 1.20
N GLU A 419 11.97 22.79 0.89
CA GLU A 419 10.92 23.32 1.75
C GLU A 419 10.80 22.57 3.09
N VAL A 420 11.25 21.30 3.13
CA VAL A 420 11.20 20.52 4.37
C VAL A 420 12.26 21.04 5.33
N TYR A 421 13.46 21.33 4.83
CA TYR A 421 14.54 21.85 5.65
C TYR A 421 14.41 23.35 5.87
N HIS A 422 13.99 24.07 4.83
CA HIS A 422 13.82 25.51 4.84
C HIS A 422 12.40 25.87 4.41
N PRO A 423 11.48 26.04 5.37
CA PRO A 423 10.08 26.37 5.03
C PRO A 423 9.91 27.64 4.21
N ASP A 424 10.85 28.59 4.33
CA ASP A 424 10.82 29.83 3.57
C ASP A 424 11.59 29.74 2.24
N SER A 425 11.80 28.53 1.73
CA SER A 425 12.49 28.32 0.48
C SER A 425 11.65 28.83 -0.67
N PRO A 426 12.29 29.47 -1.67
CA PRO A 426 11.52 29.89 -2.86
C PRO A 426 11.06 28.71 -3.73
N LEU A 427 11.54 27.49 -3.45
CA LEU A 427 11.19 26.29 -4.18
C LEU A 427 10.05 25.54 -3.50
N LYS A 428 9.11 26.25 -2.87
CA LYS A 428 7.97 25.61 -2.22
C LYS A 428 7.12 24.87 -3.27
N GLY A 429 6.82 23.62 -2.98
CA GLY A 429 6.08 22.75 -3.89
C GLY A 429 6.93 22.09 -4.95
N THR A 430 8.27 22.26 -4.87
CA THR A 430 9.20 21.66 -5.83
C THR A 430 10.08 20.61 -5.16
N ALA A 431 10.16 19.43 -5.77
CA ALA A 431 11.01 18.35 -5.28
C ALA A 431 12.09 18.06 -6.32
N GLU A 432 13.34 17.94 -5.86
CA GLU A 432 14.46 17.67 -6.74
C GLU A 432 14.78 16.19 -6.74
N ILE A 433 14.78 15.58 -7.93
CA ILE A 433 15.14 14.18 -8.11
C ILE A 433 16.58 14.12 -8.58
N ILE A 434 17.47 13.67 -7.72
CA ILE A 434 18.89 13.61 -8.03
C ILE A 434 19.31 12.24 -8.52
N ILE A 435 19.90 12.19 -9.72
CA ILE A 435 20.43 10.94 -10.23
C ILE A 435 21.85 10.78 -9.66
N GLY A 436 21.97 9.92 -8.65
CA GLY A 436 23.22 9.66 -7.98
C GLY A 436 24.11 8.66 -8.71
N LYS A 437 23.48 7.73 -9.45
CA LYS A 437 24.19 6.70 -10.22
C LYS A 437 23.35 6.23 -11.40
N GLN A 438 23.94 6.13 -12.59
CA GLN A 438 23.21 5.64 -13.76
C GLN A 438 24.14 4.91 -14.71
N ARG A 439 23.83 3.65 -15.00
CA ARG A 439 24.67 2.86 -15.91
C ARG A 439 24.46 3.21 -17.36
N ASN A 440 23.21 3.42 -17.79
CA ASN A 440 22.92 3.70 -19.20
C ASN A 440 22.44 5.13 -19.49
N GLY A 441 23.01 6.12 -18.81
CA GLY A 441 22.64 7.51 -19.01
C GLY A 441 23.41 8.49 -18.14
N PRO A 442 23.07 9.79 -18.22
CA PRO A 442 23.82 10.79 -17.43
C PRO A 442 23.33 10.98 -16.00
N ILE A 443 24.21 11.50 -15.13
CA ILE A 443 23.86 11.87 -13.77
C ILE A 443 23.47 13.36 -13.80
N GLY A 444 22.66 13.76 -12.83
CA GLY A 444 22.19 15.14 -12.74
C GLY A 444 21.00 15.31 -11.83
N SER A 445 20.12 16.26 -12.14
CA SER A 445 18.94 16.50 -11.32
C SER A 445 17.74 16.91 -12.15
N VAL A 446 16.54 16.51 -11.71
CA VAL A 446 15.28 16.83 -12.36
C VAL A 446 14.36 17.46 -11.33
N ARG A 447 13.77 18.60 -11.66
CA ARG A 447 12.84 19.26 -10.76
C ARG A 447 11.42 18.85 -11.07
N LEU A 448 10.69 18.38 -10.06
CA LEU A 448 9.30 17.96 -10.21
C LEU A 448 8.41 18.74 -9.26
N THR A 449 7.14 18.92 -9.63
CA THR A 449 6.18 19.59 -8.77
C THR A 449 5.62 18.59 -7.80
N PHE A 450 5.86 18.81 -6.51
CA PHE A 450 5.36 17.93 -5.47
C PHE A 450 4.03 18.46 -4.94
N GLN A 451 2.97 17.69 -5.12
CA GLN A 451 1.63 18.03 -4.65
C GLN A 451 1.24 17.05 -3.53
N GLY A 452 1.64 17.39 -2.31
CA GLY A 452 1.40 16.57 -1.13
C GLY A 452 -0.06 16.25 -0.88
N HIS A 453 -0.94 17.20 -1.18
CA HIS A 453 -2.37 17.03 -1.01
C HIS A 453 -2.92 15.90 -1.88
N TYR A 454 -2.34 15.71 -3.06
CA TYR A 454 -2.76 14.67 -3.97
C TYR A 454 -1.85 13.45 -3.97
N SER A 455 -0.74 13.47 -3.19
CA SER A 455 0.28 12.41 -3.15
C SER A 455 0.78 12.19 -4.58
N ARG A 456 1.16 13.29 -5.25
CA ARG A 456 1.53 13.22 -6.65
C ARG A 456 2.70 14.11 -7.03
N PHE A 457 3.47 13.64 -7.99
CA PHE A 457 4.56 14.37 -8.61
C PHE A 457 4.12 14.68 -10.03
N ASP A 458 4.33 15.92 -10.46
CA ASP A 458 3.99 16.35 -11.82
C ASP A 458 5.24 16.90 -12.52
N ASN A 459 5.23 16.93 -13.86
CA ASN A 459 6.36 17.46 -14.61
C ASN A 459 6.34 18.98 -14.67
N ILE B 13 4.59 -60.82 7.46
CA ILE B 13 3.58 -60.00 6.82
C ILE B 13 3.37 -58.66 7.55
N PRO B 14 3.18 -58.60 8.89
CA PRO B 14 2.93 -57.30 9.54
C PRO B 14 4.10 -56.33 9.60
N ASP B 15 5.35 -56.81 9.64
CA ASP B 15 6.49 -55.88 9.72
C ASP B 15 6.61 -55.03 8.47
N ALA B 16 6.45 -55.64 7.29
CA ALA B 16 6.51 -54.90 6.02
C ALA B 16 5.28 -54.00 5.87
N GLN B 17 4.12 -54.43 6.37
CA GLN B 17 2.90 -53.64 6.28
C GLN B 17 2.93 -52.44 7.22
N VAL B 18 3.53 -52.59 8.40
CA VAL B 18 3.64 -51.49 9.37
C VAL B 18 4.59 -50.42 8.83
N ASP B 19 5.70 -50.85 8.22
CA ASP B 19 6.68 -49.92 7.66
C ASP B 19 6.14 -49.18 6.44
N ALA B 20 5.31 -49.85 5.64
CA ALA B 20 4.76 -49.23 4.43
C ALA B 20 3.47 -48.49 4.71
N ILE B 21 3.45 -47.18 4.45
CA ILE B 21 2.25 -46.39 4.67
C ILE B 21 1.55 -46.07 3.33
N LYS B 22 0.68 -46.99 2.94
CA LYS B 22 -0.10 -46.84 1.71
C LYS B 22 -1.33 -45.93 1.85
N VAL B 23 -1.69 -45.56 3.08
CA VAL B 23 -2.83 -44.70 3.34
C VAL B 23 -2.43 -43.24 3.22
N PRO B 24 -2.99 -42.53 2.22
CA PRO B 24 -2.69 -41.10 2.06
C PRO B 24 -3.27 -40.25 3.19
N PRO B 25 -2.76 -39.00 3.37
CA PRO B 25 -3.29 -38.15 4.43
C PRO B 25 -4.79 -37.89 4.30
N HIS B 26 -5.53 -38.04 5.41
CA HIS B 26 -6.98 -37.83 5.43
C HIS B 26 -7.47 -37.51 6.85
N SER B 27 -8.71 -37.02 6.96
CA SER B 27 -9.33 -36.77 8.25
C SER B 27 -10.80 -37.07 8.15
N LEU B 28 -11.17 -38.33 8.40
CA LEU B 28 -12.56 -38.76 8.37
C LEU B 28 -13.40 -37.97 9.37
N GLU B 29 -12.81 -37.62 10.52
CA GLU B 29 -13.46 -36.85 11.57
C GLU B 29 -13.81 -35.45 11.09
N ALA B 30 -12.89 -34.80 10.38
CA ALA B 30 -13.15 -33.46 9.84
C ALA B 30 -14.20 -33.54 8.75
N GLU B 31 -14.15 -34.57 7.90
CA GLU B 31 -15.13 -34.77 6.83
C GLU B 31 -16.53 -34.93 7.42
N GLN B 32 -16.65 -35.76 8.46
CA GLN B 32 -17.92 -36.01 9.14
C GLN B 32 -18.45 -34.73 9.78
N SER B 33 -17.57 -33.93 10.37
CA SER B 33 -17.93 -32.68 11.01
C SER B 33 -18.45 -31.64 10.03
N VAL B 34 -17.89 -31.62 8.80
CA VAL B 34 -18.33 -30.69 7.76
C VAL B 34 -19.75 -31.07 7.34
N ILE B 35 -19.98 -32.37 7.08
CA ILE B 35 -21.27 -32.90 6.67
C ILE B 35 -22.31 -32.73 7.79
N GLY B 36 -21.94 -33.12 9.00
CA GLY B 36 -22.80 -33.02 10.17
C GLY B 36 -23.16 -31.58 10.48
N GLY B 37 -22.19 -30.69 10.32
CA GLY B 37 -22.39 -29.26 10.55
C GLY B 37 -23.34 -28.60 9.59
N LEU B 38 -23.27 -28.98 8.30
CA LEU B 38 -24.17 -28.47 7.27
C LEU B 38 -25.60 -28.97 7.49
N LEU B 39 -25.75 -30.21 7.99
CA LEU B 39 -27.06 -30.75 8.34
C LEU B 39 -27.67 -29.96 9.51
N LEU B 40 -26.84 -29.40 10.39
CA LEU B 40 -27.28 -28.61 11.52
C LEU B 40 -27.59 -27.17 11.16
N ASP B 41 -26.85 -26.54 10.20
CA ASP B 41 -27.14 -25.11 9.99
C ASP B 41 -27.69 -24.64 8.58
N ASN B 42 -27.32 -25.22 7.45
CA ASN B 42 -27.60 -24.93 6.04
C ASN B 42 -27.01 -23.59 5.57
N GLU B 43 -27.11 -22.52 6.36
CA GLU B 43 -26.60 -21.21 5.99
C GLU B 43 -25.08 -21.14 5.85
N ARG B 44 -24.36 -22.08 6.47
CA ARG B 44 -22.90 -22.12 6.39
C ARG B 44 -22.37 -22.68 5.06
N TRP B 45 -23.25 -23.13 4.16
CA TRP B 45 -22.84 -23.69 2.87
C TRP B 45 -22.03 -22.72 2.04
N ASP B 46 -22.41 -21.45 2.02
CA ASP B 46 -21.69 -20.43 1.26
C ASP B 46 -20.22 -20.33 1.65
N THR B 47 -19.93 -20.46 2.96
CA THR B 47 -18.56 -20.40 3.45
C THR B 47 -17.82 -21.71 3.19
N VAL B 48 -18.46 -22.84 3.49
CA VAL B 48 -17.87 -24.17 3.31
C VAL B 48 -17.56 -24.44 1.83
N SER B 49 -18.46 -24.05 0.92
CA SER B 49 -18.30 -24.24 -0.52
C SER B 49 -17.11 -23.44 -1.09
N GLU B 50 -16.65 -22.40 -0.38
CA GLU B 50 -15.47 -21.62 -0.79
C GLU B 50 -14.16 -22.36 -0.47
N HIS B 51 -14.19 -23.24 0.54
CA HIS B 51 -13.00 -23.96 0.98
C HIS B 51 -12.89 -25.35 0.42
N VAL B 52 -14.00 -26.11 0.38
CA VAL B 52 -13.95 -27.49 -0.06
C VAL B 52 -14.78 -27.78 -1.31
N MET B 53 -14.30 -28.75 -2.08
CA MET B 53 -14.96 -29.30 -3.26
C MET B 53 -15.28 -30.78 -2.98
N THR B 54 -16.20 -31.38 -3.75
CA THR B 54 -16.57 -32.78 -3.56
C THR B 54 -15.36 -33.72 -3.60
N GLN B 55 -14.42 -33.45 -4.52
CA GLN B 55 -13.20 -34.25 -4.68
C GLN B 55 -12.20 -34.12 -3.54
N ASP B 56 -12.37 -33.13 -2.67
CA ASP B 56 -11.50 -32.94 -1.51
C ASP B 56 -11.67 -34.01 -0.44
N PHE B 57 -12.78 -34.74 -0.47
CA PHE B 57 -13.04 -35.79 0.48
C PHE B 57 -12.31 -37.07 0.09
N TYR B 58 -11.66 -37.72 1.06
CA TYR B 58 -10.91 -38.95 0.87
C TYR B 58 -11.88 -40.11 0.70
N SER B 59 -12.86 -40.21 1.60
CA SER B 59 -13.82 -41.29 1.65
C SER B 59 -14.85 -41.21 0.54
N ARG B 60 -15.04 -42.33 -0.16
CA ARG B 60 -16.05 -42.43 -1.21
C ARG B 60 -17.46 -42.13 -0.67
N PRO B 61 -17.89 -42.75 0.45
CA PRO B 61 -19.22 -42.43 1.00
C PRO B 61 -19.42 -40.93 1.29
N HIS B 62 -18.40 -40.24 1.81
CA HIS B 62 -18.49 -38.81 2.11
C HIS B 62 -18.60 -37.95 0.87
N ARG B 63 -17.99 -38.37 -0.24
CA ARG B 63 -18.06 -37.65 -1.50
C ARG B 63 -19.49 -37.68 -2.02
N LEU B 64 -20.11 -38.86 -1.97
CA LEU B 64 -21.49 -39.04 -2.42
C LEU B 64 -22.45 -38.25 -1.55
N ILE B 65 -22.22 -38.27 -0.24
CA ILE B 65 -23.05 -37.53 0.70
C ILE B 65 -22.90 -36.03 0.47
N PHE B 66 -21.65 -35.55 0.35
CA PHE B 66 -21.38 -34.15 0.13
C PHE B 66 -21.95 -33.67 -1.21
N ASP B 67 -21.91 -34.52 -2.25
CA ASP B 67 -22.50 -34.20 -3.55
C ASP B 67 -24.01 -33.97 -3.41
N GLY B 68 -24.66 -34.79 -2.57
CA GLY B 68 -26.07 -34.66 -2.27
C GLY B 68 -26.37 -33.36 -1.55
N VAL B 69 -25.53 -33.02 -0.57
CA VAL B 69 -25.64 -31.77 0.20
C VAL B 69 -25.52 -30.57 -0.76
N LYS B 70 -24.52 -30.60 -1.66
CA LYS B 70 -24.28 -29.56 -2.63
C LYS B 70 -25.49 -29.35 -3.55
N SER B 71 -26.06 -30.43 -4.09
CA SER B 71 -27.21 -30.38 -5.00
C SER B 71 -28.47 -29.81 -4.35
N ILE B 72 -28.73 -30.18 -3.11
CA ILE B 72 -29.90 -29.73 -2.39
C ILE B 72 -29.79 -28.24 -2.05
N LEU B 73 -28.64 -27.83 -1.50
CA LEU B 73 -28.41 -26.44 -1.10
C LEU B 73 -28.31 -25.49 -2.28
N GLU B 74 -27.69 -25.92 -3.39
CA GLU B 74 -27.62 -25.09 -4.60
C GLU B 74 -29.02 -24.87 -5.18
N ALA B 75 -29.92 -25.86 -5.02
CA ALA B 75 -31.30 -25.75 -5.46
C ALA B 75 -32.17 -24.89 -4.51
N GLY B 76 -31.61 -24.43 -3.40
CA GLY B 76 -32.32 -23.63 -2.42
C GLY B 76 -33.26 -24.44 -1.54
N LYS B 77 -33.11 -25.78 -1.53
CA LYS B 77 -33.95 -26.66 -0.73
C LYS B 77 -33.35 -26.84 0.67
N PRO B 78 -34.20 -26.99 1.70
CA PRO B 78 -33.67 -27.20 3.04
C PRO B 78 -32.95 -28.53 3.17
N LEU B 79 -31.74 -28.49 3.71
CA LEU B 79 -30.95 -29.70 3.89
C LEU B 79 -31.21 -30.30 5.26
N ASP B 80 -31.82 -31.47 5.29
CA ASP B 80 -32.05 -32.23 6.52
C ASP B 80 -31.77 -33.72 6.27
N LEU B 81 -31.72 -34.53 7.35
CA LEU B 81 -31.44 -35.95 7.25
C LEU B 81 -32.38 -36.68 6.30
N ILE B 82 -33.67 -36.34 6.33
CA ILE B 82 -34.67 -36.99 5.50
C ILE B 82 -34.50 -36.62 4.03
N THR B 83 -34.35 -35.32 3.73
CA THR B 83 -34.18 -34.84 2.38
C THR B 83 -32.94 -35.42 1.72
N LEU B 84 -31.84 -35.48 2.46
CA LEU B 84 -30.59 -36.03 1.96
C LEU B 84 -30.71 -37.54 1.71
N SER B 85 -31.41 -38.25 2.61
CA SER B 85 -31.61 -39.69 2.47
C SER B 85 -32.47 -39.99 1.27
N GLU B 86 -33.52 -39.19 1.03
CA GLU B 86 -34.39 -39.37 -0.13
C GLU B 86 -33.64 -39.10 -1.42
N TYR B 87 -32.77 -38.08 -1.41
CA TYR B 87 -31.95 -37.73 -2.56
C TYR B 87 -31.03 -38.90 -2.93
N LEU B 88 -30.33 -39.46 -1.94
CA LEU B 88 -29.41 -40.58 -2.16
C LEU B 88 -30.15 -41.85 -2.56
N GLU B 89 -31.38 -42.06 -2.04
CA GLU B 89 -32.20 -43.23 -2.35
C GLU B 89 -32.65 -43.21 -3.80
N GLN B 90 -33.00 -42.01 -4.33
CA GLN B 90 -33.41 -41.85 -5.72
C GLN B 90 -32.30 -42.29 -6.69
N ARG B 91 -31.05 -42.07 -6.30
CA ARG B 91 -29.90 -42.44 -7.12
C ARG B 91 -29.31 -43.81 -6.77
N GLU B 92 -29.98 -44.58 -5.90
CA GLU B 92 -29.53 -45.87 -5.41
C GLU B 92 -28.12 -45.79 -4.84
N GLN B 93 -27.79 -44.68 -4.18
CA GLN B 93 -26.49 -44.45 -3.56
C GLN B 93 -26.54 -44.53 -2.03
N LEU B 94 -27.75 -44.63 -1.43
CA LEU B 94 -27.94 -44.70 0.02
C LEU B 94 -27.24 -45.90 0.64
N GLU B 95 -27.29 -47.04 -0.02
CA GLU B 95 -26.62 -48.25 0.46
C GLU B 95 -25.09 -48.11 0.34
N ASP B 96 -24.62 -47.39 -0.68
CA ASP B 96 -23.20 -47.15 -0.92
C ASP B 96 -22.55 -46.25 0.13
N VAL B 97 -23.35 -45.42 0.82
CA VAL B 97 -22.83 -44.52 1.84
C VAL B 97 -22.97 -45.08 3.27
N GLY B 98 -23.64 -46.22 3.45
CA GLY B 98 -23.80 -46.81 4.77
C GLY B 98 -25.21 -46.78 5.34
N GLY B 99 -26.17 -46.36 4.53
CA GLY B 99 -27.57 -46.29 4.92
C GLY B 99 -27.98 -45.07 5.71
N PHE B 100 -29.26 -44.99 6.08
CA PHE B 100 -29.83 -43.88 6.85
C PHE B 100 -29.17 -43.76 8.21
N ALA B 101 -28.82 -44.89 8.82
CA ALA B 101 -28.18 -44.94 10.14
C ALA B 101 -26.85 -44.18 10.14
N TYR B 102 -26.07 -44.30 9.05
CA TYR B 102 -24.79 -43.62 8.97
C TYR B 102 -24.99 -42.11 8.81
N LEU B 103 -26.01 -41.69 8.05
CA LEU B 103 -26.34 -40.27 7.90
C LEU B 103 -26.74 -39.68 9.25
N ALA B 104 -27.53 -40.44 10.03
CA ALA B 104 -27.97 -40.04 11.36
C ALA B 104 -26.77 -39.96 12.31
N ASP B 105 -25.81 -40.88 12.18
CA ASP B 105 -24.60 -40.91 12.98
C ASP B 105 -23.73 -39.68 12.69
N LEU B 106 -23.66 -39.26 11.41
CA LEU B 106 -22.91 -38.07 11.01
C LEU B 106 -23.47 -36.81 11.64
N ALA B 107 -24.80 -36.72 11.73
CA ALA B 107 -25.45 -35.57 12.36
C ALA B 107 -25.29 -35.59 13.89
N LYS B 108 -25.21 -36.78 14.48
CA LYS B 108 -25.08 -36.98 15.92
C LYS B 108 -23.66 -36.74 16.46
N ASN B 109 -22.64 -37.20 15.73
CA ASN B 109 -21.24 -37.15 16.16
C ASN B 109 -20.61 -35.75 16.13
N THR B 110 -21.30 -34.75 15.57
CA THR B 110 -20.80 -33.37 15.54
C THR B 110 -21.87 -32.42 16.08
N PRO B 111 -22.01 -32.34 17.40
CA PRO B 111 -23.01 -31.43 17.97
C PRO B 111 -22.55 -29.98 18.04
N SER B 112 -21.28 -29.71 17.68
CA SER B 112 -20.73 -28.37 17.76
C SER B 112 -20.74 -27.60 16.45
N ALA B 113 -21.23 -26.36 16.53
CA ALA B 113 -21.30 -25.41 15.42
C ALA B 113 -20.17 -24.35 15.57
N ALA B 114 -19.95 -23.48 14.55
CA ALA B 114 -18.95 -22.40 14.45
C ALA B 114 -17.52 -22.91 14.21
N ASN B 115 -17.30 -24.22 14.21
CA ASN B 115 -16.00 -24.83 13.91
C ASN B 115 -15.98 -25.52 12.54
N ILE B 116 -17.11 -25.48 11.80
CA ILE B 116 -17.28 -26.11 10.50
C ILE B 116 -16.26 -25.57 9.48
N ASN B 117 -15.94 -24.27 9.56
CA ASN B 117 -14.96 -23.64 8.68
C ASN B 117 -13.55 -24.20 8.94
N ALA B 118 -13.23 -24.46 10.20
CA ALA B 118 -11.94 -25.03 10.57
C ALA B 118 -11.82 -26.45 10.03
N TYR B 119 -12.90 -27.24 10.12
CA TYR B 119 -12.92 -28.60 9.59
C TYR B 119 -12.82 -28.59 8.07
N ALA B 120 -13.47 -27.62 7.42
CA ALA B 120 -13.41 -27.46 5.97
C ALA B 120 -11.97 -27.16 5.53
N GLU B 121 -11.24 -26.36 6.31
CA GLU B 121 -9.85 -26.05 6.00
C GLU B 121 -8.97 -27.29 6.14
N ILE B 122 -9.24 -28.13 7.14
CA ILE B 122 -8.49 -29.37 7.36
C ILE B 122 -8.71 -30.32 6.19
N VAL B 123 -9.97 -30.47 5.74
CA VAL B 123 -10.31 -31.32 4.61
C VAL B 123 -9.61 -30.83 3.34
N ALA B 124 -9.59 -29.52 3.12
CA ALA B 124 -8.93 -28.91 1.97
C ALA B 124 -7.42 -29.11 2.03
N GLU B 125 -6.82 -28.97 3.23
CA GLU B 125 -5.40 -29.15 3.45
C GLU B 125 -5.00 -30.58 3.16
N ARG B 126 -5.80 -31.54 3.62
CA ARG B 126 -5.53 -32.95 3.38
C ARG B 126 -5.62 -33.28 1.91
N ALA B 127 -6.61 -32.72 1.21
CA ALA B 127 -6.78 -32.91 -0.22
C ALA B 127 -5.57 -32.36 -0.97
N LEU B 128 -5.03 -31.22 -0.51
CA LEU B 128 -3.85 -30.60 -1.11
C LEU B 128 -2.64 -31.53 -1.00
N VAL B 129 -2.40 -32.10 0.18
CA VAL B 129 -1.29 -33.02 0.40
C VAL B 129 -1.50 -34.30 -0.42
N ARG B 130 -2.76 -34.76 -0.53
CA ARG B 130 -3.11 -35.94 -1.34
C ARG B 130 -2.77 -35.70 -2.82
N ASN B 131 -3.09 -34.50 -3.33
CA ASN B 131 -2.78 -34.15 -4.71
C ASN B 131 -1.27 -34.02 -4.91
N LEU B 132 -0.57 -33.47 -3.90
CA LEU B 132 0.88 -33.31 -3.93
C LEU B 132 1.57 -34.66 -4.00
N ILE B 133 1.11 -35.64 -3.20
CA ILE B 133 1.67 -36.98 -3.23
C ILE B 133 1.45 -37.63 -4.60
N GLY B 134 0.25 -37.45 -5.17
CA GLY B 134 -0.06 -37.95 -6.49
C GLY B 134 0.87 -37.39 -7.56
N VAL B 135 1.14 -36.07 -7.49
CA VAL B 135 2.04 -35.39 -8.42
C VAL B 135 3.48 -35.88 -8.23
N ALA B 136 3.91 -36.07 -6.97
CA ALA B 136 5.24 -36.57 -6.68
C ALA B 136 5.45 -37.96 -7.28
N ASN B 137 4.42 -38.81 -7.21
CA ASN B 137 4.49 -40.15 -7.79
C ASN B 137 4.55 -40.07 -9.31
N GLU B 138 3.79 -39.15 -9.92
CA GLU B 138 3.79 -38.95 -11.36
C GLU B 138 5.16 -38.48 -11.84
N ILE B 139 5.79 -37.57 -11.09
CA ILE B 139 7.11 -37.06 -11.42
C ILE B 139 8.14 -38.16 -11.26
N ALA B 140 8.02 -38.97 -10.20
CA ALA B 140 8.92 -40.09 -9.97
C ALA B 140 8.81 -41.10 -11.13
N ASP B 141 7.57 -41.39 -11.56
CA ASP B 141 7.30 -42.29 -12.66
C ASP B 141 7.90 -41.75 -13.97
N ALA B 142 7.77 -40.44 -14.19
CA ALA B 142 8.34 -39.78 -15.37
C ALA B 142 9.87 -39.82 -15.34
N GLY B 143 10.45 -39.73 -14.15
CA GLY B 143 11.89 -39.80 -13.97
C GLY B 143 12.41 -41.19 -14.26
N TYR B 144 11.68 -42.22 -13.78
CA TYR B 144 12.08 -43.60 -14.04
C TYR B 144 11.84 -43.96 -15.50
N ASP B 145 10.70 -43.53 -16.07
CA ASP B 145 10.35 -43.80 -17.46
C ASP B 145 10.09 -42.49 -18.20
N PRO B 146 11.15 -41.90 -18.79
CA PRO B 146 10.99 -40.60 -19.46
C PRO B 146 10.21 -40.62 -20.76
N GLN B 147 9.97 -41.81 -21.34
CA GLN B 147 9.22 -41.98 -22.58
C GLN B 147 9.64 -41.01 -23.71
N GLY B 148 10.94 -40.75 -23.84
CA GLY B 148 11.45 -39.86 -24.87
C GLY B 148 11.59 -38.39 -24.48
N ARG B 149 11.31 -38.06 -23.21
CA ARG B 149 11.44 -36.68 -22.74
C ARG B 149 12.85 -36.44 -22.20
N ASN B 150 13.48 -35.31 -22.55
CA ASN B 150 14.80 -34.99 -22.02
C ASN B 150 14.67 -34.42 -20.58
N ALA B 151 15.79 -34.21 -19.88
CA ALA B 151 15.80 -33.69 -18.52
C ALA B 151 15.10 -32.35 -18.40
N GLU B 152 15.29 -31.46 -19.39
CA GLU B 152 14.67 -30.14 -19.41
C GLU B 152 13.14 -30.25 -19.50
N ASP B 153 12.65 -31.19 -20.30
CA ASP B 153 11.22 -31.45 -20.47
C ASP B 153 10.61 -32.01 -19.17
N LEU B 154 11.35 -32.89 -18.49
CA LEU B 154 10.91 -33.47 -17.21
C LEU B 154 10.88 -32.40 -16.11
N LEU B 155 11.85 -31.47 -16.14
CA LEU B 155 11.91 -30.36 -15.18
C LEU B 155 10.72 -29.43 -15.42
N ASP B 156 10.41 -29.13 -16.69
CA ASP B 156 9.28 -28.28 -17.05
C ASP B 156 7.97 -28.94 -16.65
N LEU B 157 7.86 -30.26 -16.83
CA LEU B 157 6.68 -31.04 -16.44
C LEU B 157 6.50 -30.99 -14.92
N ALA B 158 7.59 -31.17 -14.17
CA ALA B 158 7.54 -31.12 -12.72
C ALA B 158 7.13 -29.74 -12.24
N GLU B 159 7.69 -28.69 -12.84
CA GLU B 159 7.37 -27.31 -12.49
C GLU B 159 5.91 -27.00 -12.81
N SER B 160 5.41 -27.47 -13.95
CA SER B 160 4.03 -27.25 -14.36
C SER B 160 3.03 -27.91 -13.42
N LYS B 161 3.28 -29.16 -13.02
CA LYS B 161 2.38 -29.90 -12.14
C LYS B 161 2.36 -29.34 -10.72
N VAL B 162 3.52 -28.92 -10.22
CA VAL B 162 3.63 -28.33 -8.89
C VAL B 162 3.00 -26.93 -8.89
N PHE B 163 3.22 -26.14 -9.95
CA PHE B 163 2.62 -24.82 -10.12
C PHE B 163 1.10 -24.92 -10.19
N ALA B 164 0.56 -26.01 -10.76
CA ALA B 164 -0.88 -26.22 -10.86
C ALA B 164 -1.50 -26.45 -9.47
N ILE B 165 -0.78 -27.15 -8.59
CA ILE B 165 -1.23 -27.40 -7.21
C ILE B 165 -1.27 -26.08 -6.45
N ALA B 166 -0.23 -25.26 -6.60
CA ALA B 166 -0.14 -23.96 -5.94
C ALA B 166 -1.17 -22.97 -6.46
N GLU B 167 -1.49 -23.03 -7.75
CA GLU B 167 -2.46 -22.14 -8.37
C GLU B 167 -3.89 -22.38 -7.88
N ALA B 168 -4.22 -23.63 -7.60
CA ALA B 168 -5.55 -23.97 -7.08
C ALA B 168 -5.78 -23.33 -5.70
N ARG B 169 -4.74 -23.26 -4.88
CA ARG B 169 -4.83 -22.65 -3.56
C ARG B 169 -4.36 -21.20 -3.54
N THR B 170 -4.40 -20.51 -4.69
CA THR B 170 -4.02 -19.12 -4.81
C THR B 170 -5.37 -18.40 -4.90
N SER B 171 -5.62 -17.51 -3.97
CA SER B 171 -6.86 -16.73 -3.82
C SER B 171 -8.09 -17.59 -3.45
N GLU B 172 -8.02 -18.29 -2.32
CA GLU B 172 -9.13 -19.13 -1.85
C GLU B 172 -10.13 -18.36 -0.99
N ASN B 173 -9.67 -17.59 0.01
CA ASN B 173 -10.56 -16.84 0.89
C ASN B 173 -10.40 -15.34 0.61
N GLU B 174 -11.05 -14.85 -0.48
CA GLU B 174 -11.07 -13.47 -0.98
C GLU B 174 -9.82 -13.06 -1.78
N GLY B 175 -8.71 -13.76 -1.54
CA GLY B 175 -7.41 -13.54 -2.19
C GLY B 175 -6.94 -12.11 -2.32
N PRO B 176 -6.55 -11.45 -1.22
CA PRO B 176 -6.10 -10.05 -1.32
C PRO B 176 -4.85 -9.83 -2.16
N LYS B 177 -4.99 -9.28 -3.36
CA LYS B 177 -3.96 -8.94 -4.33
C LYS B 177 -4.60 -8.38 -5.58
N ASN B 178 -5.66 -9.03 -6.10
CA ASN B 178 -6.35 -8.59 -7.32
C ASN B 178 -7.31 -7.44 -7.04
N VAL B 179 -7.54 -6.55 -8.04
CA VAL B 179 -8.37 -5.33 -7.92
C VAL B 179 -9.80 -5.58 -7.45
N ASP B 180 -10.41 -6.71 -7.83
CA ASP B 180 -11.79 -7.00 -7.42
C ASP B 180 -11.89 -7.13 -5.90
N SER B 181 -10.89 -7.76 -5.29
CA SER B 181 -10.85 -7.94 -3.84
C SER B 181 -10.63 -6.60 -3.14
N ILE B 182 -9.71 -5.77 -3.67
CA ILE B 182 -9.42 -4.47 -3.09
C ILE B 182 -10.62 -3.53 -3.20
N LEU B 183 -11.40 -3.63 -4.27
CA LEU B 183 -12.57 -2.78 -4.45
C LEU B 183 -13.62 -3.13 -3.39
N GLU B 184 -13.85 -4.42 -3.13
CA GLU B 184 -14.81 -4.89 -2.14
C GLU B 184 -14.42 -4.41 -0.74
N ARG B 185 -13.15 -4.54 -0.39
CA ARG B 185 -12.65 -4.10 0.91
C ARG B 185 -12.68 -2.58 1.04
N THR B 186 -12.45 -1.87 -0.07
CA THR B 186 -12.48 -0.41 -0.10
C THR B 186 -13.90 0.06 0.20
N LEU B 187 -14.91 -0.54 -0.46
CA LEU B 187 -16.31 -0.15 -0.27
C LEU B 187 -16.79 -0.49 1.14
N GLU B 188 -16.35 -1.62 1.68
CA GLU B 188 -16.70 -2.05 3.03
C GLU B 188 -16.16 -1.03 4.05
N ARG B 189 -14.93 -0.57 3.83
CA ARG B 189 -14.27 0.41 4.69
C ARG B 189 -14.99 1.74 4.64
N ILE B 190 -15.36 2.20 3.44
CA ILE B 190 -16.09 3.45 3.25
C ILE B 190 -17.44 3.37 3.96
N GLU B 191 -18.13 2.23 3.79
CA GLU B 191 -19.42 1.98 4.41
C GLU B 191 -19.32 2.08 5.93
N LEU B 192 -18.27 1.48 6.53
CA LEU B 192 -18.06 1.53 7.96
C LEU B 192 -17.81 2.94 8.46
N LEU B 193 -17.03 3.74 7.72
CA LEU B 193 -16.75 5.12 8.08
C LEU B 193 -18.02 5.97 8.03
N TYR B 194 -18.86 5.74 7.01
CA TYR B 194 -20.10 6.48 6.85
C TYR B 194 -21.15 6.15 7.92
N LYS B 195 -21.13 4.92 8.45
CA LYS B 195 -22.07 4.52 9.51
C LYS B 195 -21.71 5.15 10.87
N THR B 196 -20.42 5.39 11.11
CA THR B 196 -19.95 5.99 12.36
C THR B 196 -19.95 7.52 12.29
N PRO B 197 -20.21 8.24 13.40
CA PRO B 197 -20.19 9.71 13.33
C PRO B 197 -18.80 10.24 12.96
N GLN B 198 -18.71 10.91 11.81
CA GLN B 198 -17.44 11.43 11.30
C GLN B 198 -17.39 12.96 11.29
N ASP B 199 -17.47 13.58 12.49
CA ASP B 199 -17.42 15.04 12.61
C ASP B 199 -15.96 15.54 12.64
N GLY B 200 -15.12 14.94 11.82
CA GLY B 200 -13.70 15.27 11.77
C GLY B 200 -12.79 14.26 12.44
N VAL B 201 -13.37 13.26 13.13
CA VAL B 201 -12.64 12.20 13.82
C VAL B 201 -13.14 10.83 13.38
N THR B 202 -12.29 10.03 12.71
CA THR B 202 -12.67 8.69 12.25
C THR B 202 -12.14 7.57 13.17
N GLY B 203 -11.16 7.87 14.02
CA GLY B 203 -10.59 6.90 14.94
C GLY B 203 -10.90 7.23 16.39
N VAL B 204 -9.93 6.98 17.29
CA VAL B 204 -10.05 7.26 18.72
C VAL B 204 -9.79 8.75 18.96
N ASN B 205 -10.73 9.45 19.60
CA ASN B 205 -10.60 10.89 19.85
C ASN B 205 -9.39 11.25 20.72
N THR B 206 -8.55 12.18 20.22
CA THR B 206 -7.37 12.62 20.96
C THR B 206 -7.69 13.60 22.10
N GLY B 207 -8.86 14.23 22.06
CA GLY B 207 -9.26 15.24 23.03
C GLY B 207 -8.75 16.63 22.69
N PHE B 208 -7.98 16.76 21.59
CA PHE B 208 -7.40 18.00 21.11
C PHE B 208 -7.91 18.26 19.69
N THR B 209 -8.79 19.27 19.52
CA THR B 209 -9.40 19.62 18.23
C THR B 209 -8.38 19.85 17.13
N ASP B 210 -7.36 20.66 17.40
CA ASP B 210 -6.32 20.97 16.42
C ASP B 210 -5.56 19.71 16.00
N LEU B 211 -5.32 18.81 16.95
CA LEU B 211 -4.64 17.55 16.64
C LEU B 211 -5.55 16.63 15.83
N ASN B 212 -6.84 16.57 16.18
CA ASN B 212 -7.82 15.75 15.46
C ASN B 212 -8.01 16.26 14.04
N LYS B 213 -7.91 17.57 13.82
CA LYS B 213 -8.04 18.14 12.49
C LYS B 213 -6.94 17.60 11.56
N LYS B 214 -5.74 17.38 12.10
CA LYS B 214 -4.61 16.88 11.34
C LYS B 214 -4.57 15.36 11.26
N THR B 215 -4.95 14.67 12.33
CA THR B 215 -4.83 13.21 12.37
C THR B 215 -6.10 12.43 12.15
N ALA B 216 -7.25 13.10 12.21
CA ALA B 216 -8.59 12.50 12.17
C ALA B 216 -8.76 11.46 13.29
N GLY B 217 -8.10 11.68 14.43
CA GLY B 217 -8.11 10.78 15.57
C GLY B 217 -6.99 9.75 15.51
N LEU B 218 -6.92 8.87 16.51
CA LEU B 218 -5.92 7.80 16.58
C LEU B 218 -6.51 6.58 15.88
N GLN B 219 -5.99 6.27 14.69
CA GLN B 219 -6.52 5.18 13.86
C GLN B 219 -6.20 3.78 14.35
N GLY B 220 -7.12 2.86 14.09
CA GLY B 220 -6.92 1.45 14.40
C GLY B 220 -5.80 0.90 13.55
N SER B 221 -4.97 0.03 14.13
CA SER B 221 -3.82 -0.59 13.47
C SER B 221 -2.58 0.31 13.39
N ASP B 222 -2.66 1.54 13.93
CA ASP B 222 -1.53 2.46 13.89
C ASP B 222 -0.56 2.27 15.04
N LEU B 223 0.74 2.30 14.74
CA LEU B 223 1.78 2.31 15.74
C LEU B 223 2.20 3.77 15.85
N ILE B 224 1.92 4.39 17.00
CA ILE B 224 2.21 5.80 17.25
C ILE B 224 3.39 5.97 18.18
N ILE B 225 4.43 6.67 17.72
CA ILE B 225 5.60 6.94 18.54
C ILE B 225 5.56 8.36 19.07
N VAL B 226 5.49 8.50 20.40
CA VAL B 226 5.53 9.80 21.02
C VAL B 226 6.91 9.94 21.63
N ALA B 227 7.71 10.87 21.09
CA ALA B 227 9.08 11.04 21.53
C ALA B 227 9.33 12.43 22.07
N ALA B 228 10.08 12.51 23.16
CA ALA B 228 10.42 13.79 23.76
C ALA B 228 11.67 13.68 24.64
N ARG B 229 12.33 14.82 24.86
CA ARG B 229 13.45 14.90 25.80
C ARG B 229 12.88 14.79 27.22
N PRO B 230 13.69 14.46 28.24
CA PRO B 230 13.14 14.37 29.61
C PRO B 230 12.48 15.66 30.09
N SER B 231 11.35 15.52 30.81
CA SER B 231 10.55 16.60 31.40
C SER B 231 9.79 17.46 30.37
N MET B 232 9.70 17.00 29.12
CA MET B 232 8.90 17.70 28.11
C MET B 232 7.39 17.39 28.23
N GLY B 233 7.02 16.48 29.13
CA GLY B 233 5.63 16.12 29.33
C GLY B 233 5.18 14.97 28.44
N LYS B 234 6.11 14.06 28.11
CA LYS B 234 5.82 12.91 27.25
C LYS B 234 4.79 11.97 27.86
N THR B 235 4.99 11.58 29.13
CA THR B 235 4.06 10.70 29.82
C THR B 235 2.72 11.43 30.00
N THR B 236 2.76 12.73 30.33
CA THR B 236 1.59 13.57 30.51
C THR B 236 0.72 13.59 29.24
N PHE B 237 1.33 13.83 28.08
CA PHE B 237 0.61 13.87 26.82
C PHE B 237 -0.05 12.55 26.49
N ALA B 238 0.70 11.44 26.58
CA ALA B 238 0.19 10.10 26.29
C ALA B 238 -0.97 9.73 27.21
N MET B 239 -0.89 10.13 28.47
CA MET B 239 -1.93 9.86 29.44
C MET B 239 -3.19 10.64 29.17
N ASN B 240 -3.08 11.87 28.65
CA ASN B 240 -4.27 12.64 28.28
C ASN B 240 -5.00 11.94 27.12
N LEU B 241 -4.25 11.32 26.20
CA LEU B 241 -4.84 10.55 25.10
C LEU B 241 -5.58 9.34 25.67
N CYS B 242 -4.99 8.68 26.68
CA CYS B 242 -5.62 7.54 27.36
C CYS B 242 -6.87 7.97 28.10
N GLU B 243 -6.83 9.09 28.83
CA GLU B 243 -7.96 9.64 29.59
C GLU B 243 -9.13 9.93 28.66
N ASN B 244 -8.85 10.57 27.50
CA ASN B 244 -9.87 10.89 26.52
C ASN B 244 -10.48 9.63 25.92
N ALA B 245 -9.65 8.63 25.61
CA ALA B 245 -10.14 7.36 25.08
C ALA B 245 -11.02 6.64 26.11
N ALA B 246 -10.62 6.69 27.38
CA ALA B 246 -11.37 6.05 28.46
C ALA B 246 -12.71 6.73 28.71
N MET B 247 -12.78 8.05 28.55
CA MET B 247 -14.02 8.77 28.79
C MET B 247 -14.97 8.75 27.59
N GLU B 248 -14.45 8.60 26.37
CA GLU B 248 -15.28 8.64 25.17
C GLU B 248 -15.59 7.28 24.57
N GLN B 249 -14.84 6.23 24.92
CA GLN B 249 -15.08 4.91 24.35
C GLN B 249 -15.62 3.93 25.36
N ASP B 250 -16.38 2.94 24.90
CA ASP B 250 -16.92 1.88 25.74
C ASP B 250 -15.87 0.79 25.95
N LYS B 251 -15.02 0.55 24.93
CA LYS B 251 -13.93 -0.43 24.99
C LYS B 251 -12.82 0.03 25.95
N PRO B 252 -12.10 -0.91 26.60
CA PRO B 252 -11.09 -0.51 27.59
C PRO B 252 -9.77 0.00 27.03
N VAL B 253 -9.08 0.81 27.85
CA VAL B 253 -7.75 1.35 27.58
C VAL B 253 -6.76 0.49 28.37
N LEU B 254 -5.69 0.01 27.72
CA LEU B 254 -4.69 -0.80 28.38
C LEU B 254 -3.36 -0.06 28.45
N ILE B 255 -2.84 0.13 29.67
CA ILE B 255 -1.60 0.85 29.89
C ILE B 255 -0.50 -0.05 30.44
N PHE B 256 0.62 -0.14 29.72
CA PHE B 256 1.79 -0.88 30.18
C PHE B 256 2.77 0.15 30.71
N SER B 257 2.70 0.42 32.01
CA SER B 257 3.57 1.38 32.67
C SER B 257 4.83 0.66 33.14
N LEU B 258 5.84 0.66 32.29
CA LEU B 258 7.10 -0.02 32.58
C LEU B 258 8.01 0.77 33.51
N GLU B 259 7.86 2.10 33.54
CA GLU B 259 8.71 2.96 34.36
C GLU B 259 8.04 3.33 35.69
N MET B 260 6.77 3.76 35.67
CA MET B 260 6.07 4.21 36.87
C MET B 260 5.08 3.20 37.42
N PRO B 261 4.89 3.20 38.74
CA PRO B 261 3.87 2.30 39.31
C PRO B 261 2.45 2.76 38.99
N ALA B 262 1.49 1.85 39.13
CA ALA B 262 0.07 2.13 38.87
C ALA B 262 -0.49 3.23 39.77
N GLU B 263 -0.03 3.29 41.02
CA GLU B 263 -0.50 4.31 41.96
C GLU B 263 -0.09 5.71 41.48
N GLN B 264 1.14 5.84 40.98
CA GLN B 264 1.62 7.11 40.50
C GLN B 264 0.87 7.54 39.25
N ILE B 265 0.60 6.60 38.32
CA ILE B 265 -0.15 6.94 37.11
C ILE B 265 -1.56 7.44 37.48
N MET B 266 -2.21 6.77 38.45
CA MET B 266 -3.54 7.14 38.90
C MET B 266 -3.52 8.52 39.56
N MET B 267 -2.52 8.82 40.39
CA MET B 267 -2.43 10.13 41.05
C MET B 267 -2.29 11.25 40.03
N ARG B 268 -1.48 11.04 38.99
CA ARG B 268 -1.32 12.01 37.91
C ARG B 268 -2.61 12.16 37.13
N MET B 269 -3.33 11.05 36.91
CA MET B 269 -4.61 11.08 36.23
C MET B 269 -5.62 11.89 37.05
N LEU B 270 -5.62 11.71 38.37
CA LEU B 270 -6.50 12.45 39.27
C LEU B 270 -6.19 13.93 39.20
N ALA B 271 -4.90 14.27 39.17
CA ALA B 271 -4.49 15.67 39.05
C ALA B 271 -4.99 16.26 37.74
N SER B 272 -4.93 15.49 36.65
CA SER B 272 -5.35 15.92 35.33
C SER B 272 -6.86 16.12 35.19
N LEU B 273 -7.65 15.06 35.42
CA LEU B 273 -9.10 15.10 35.24
C LEU B 273 -9.80 16.02 36.22
N SER B 274 -9.28 16.13 37.45
CA SER B 274 -9.88 16.98 38.46
C SER B 274 -9.36 18.41 38.44
N ARG B 275 -8.27 18.68 37.69
CA ARG B 275 -7.62 19.98 37.63
C ARG B 275 -7.20 20.44 39.03
N VAL B 276 -6.70 19.51 39.85
CA VAL B 276 -6.20 19.76 41.20
C VAL B 276 -4.68 19.73 41.14
N ASP B 277 -4.00 20.65 41.85
CA ASP B 277 -2.54 20.71 41.89
C ASP B 277 -1.94 19.37 42.28
N GLN B 278 -1.07 18.85 41.42
CA GLN B 278 -0.40 17.57 41.62
C GLN B 278 0.40 17.56 42.92
N THR B 279 1.06 18.68 43.24
CA THR B 279 1.81 18.82 44.48
C THR B 279 0.90 18.68 45.68
N LYS B 280 -0.29 19.30 45.62
CA LYS B 280 -1.28 19.21 46.68
C LYS B 280 -1.71 17.77 46.91
N ILE B 281 -1.88 16.99 45.84
CA ILE B 281 -2.25 15.59 45.95
C ILE B 281 -1.13 14.81 46.64
N ARG B 282 0.11 15.09 46.24
CA ARG B 282 1.28 14.44 46.81
C ARG B 282 1.44 14.78 48.28
N THR B 283 1.33 16.06 48.63
CA THR B 283 1.51 16.54 50.00
C THR B 283 0.30 16.29 50.91
N GLY B 284 -0.86 16.05 50.33
CA GLY B 284 -2.08 15.85 51.09
C GLY B 284 -2.75 17.14 51.52
N GLN B 285 -2.23 18.32 51.09
CA GLN B 285 -2.85 19.59 51.47
C GLN B 285 -3.99 19.94 50.51
N LEU B 286 -5.06 19.15 50.57
CA LEU B 286 -6.22 19.34 49.72
C LEU B 286 -7.31 20.09 50.47
N ASP B 287 -7.84 21.16 49.86
CA ASP B 287 -8.94 21.90 50.45
C ASP B 287 -10.28 21.20 50.16
N ASP B 288 -11.40 21.70 50.72
CA ASP B 288 -12.73 21.13 50.52
C ASP B 288 -13.09 21.01 49.05
N GLU B 289 -12.72 22.03 48.26
CA GLU B 289 -13.00 22.06 46.84
C GLU B 289 -12.19 21.00 46.10
N ASP B 290 -10.92 20.83 46.50
CA ASP B 290 -10.03 19.85 45.91
C ASP B 290 -10.55 18.45 46.15
N TRP B 291 -11.02 18.16 47.38
CA TRP B 291 -11.57 16.84 47.69
C TRP B 291 -12.82 16.55 46.90
N ALA B 292 -13.70 17.53 46.74
CA ALA B 292 -14.94 17.34 45.99
C ALA B 292 -14.67 17.01 44.53
N ARG B 293 -13.69 17.68 43.91
CA ARG B 293 -13.33 17.44 42.51
C ARG B 293 -12.70 16.07 42.33
N ILE B 294 -11.76 15.69 43.22
CA ILE B 294 -11.11 14.38 43.17
C ILE B 294 -12.14 13.28 43.33
N SER B 295 -13.04 13.44 44.30
CA SER B 295 -14.08 12.46 44.57
C SER B 295 -15.03 12.27 43.38
N SER B 296 -15.42 13.36 42.74
CA SER B 296 -16.31 13.29 41.58
C SER B 296 -15.61 12.55 40.44
N THR B 297 -14.33 12.87 40.21
CA THR B 297 -13.54 12.23 39.17
C THR B 297 -13.42 10.73 39.43
N MET B 298 -13.15 10.34 40.69
CA MET B 298 -13.03 8.94 41.06
C MET B 298 -14.32 8.20 40.81
N GLY B 299 -15.45 8.83 41.16
CA GLY B 299 -16.77 8.25 40.94
C GLY B 299 -17.02 7.88 39.50
N ILE B 300 -16.61 8.77 38.57
CA ILE B 300 -16.75 8.55 37.14
C ILE B 300 -15.83 7.44 36.67
N LEU B 301 -14.57 7.46 37.08
CA LEU B 301 -13.59 6.44 36.69
C LEU B 301 -14.05 5.05 37.11
N MET B 302 -14.62 4.95 38.31
CA MET B 302 -15.13 3.69 38.82
C MET B 302 -16.37 3.24 38.09
N GLU B 303 -17.20 4.19 37.67
CA GLU B 303 -18.40 3.88 36.92
C GLU B 303 -18.03 3.34 35.54
N LYS B 304 -17.01 3.92 34.91
CA LYS B 304 -16.57 3.50 33.59
C LYS B 304 -15.84 2.16 33.61
N LYS B 305 -14.91 1.95 34.57
CA LYS B 305 -14.12 0.71 34.71
C LYS B 305 -13.49 0.27 33.38
N ASN B 306 -13.18 1.23 32.50
CA ASN B 306 -12.66 0.92 31.19
C ASN B 306 -11.17 1.16 31.08
N MET B 307 -10.41 0.95 32.17
CA MET B 307 -8.95 1.14 32.13
C MET B 307 -8.22 0.07 32.89
N TYR B 308 -7.14 -0.47 32.30
CA TYR B 308 -6.30 -1.47 32.92
C TYR B 308 -4.87 -0.94 33.01
N ILE B 309 -4.22 -1.10 34.17
CA ILE B 309 -2.85 -0.66 34.35
C ILE B 309 -1.94 -1.82 34.72
N ASP B 310 -0.98 -2.13 33.85
CA ASP B 310 0.01 -3.18 34.08
C ASP B 310 1.36 -2.53 34.33
N ASP B 311 1.84 -2.63 35.57
CA ASP B 311 3.10 -2.00 35.95
C ASP B 311 4.27 -3.00 36.05
N SER B 312 4.18 -4.13 35.34
CA SER B 312 5.25 -5.14 35.35
C SER B 312 6.46 -4.62 34.58
N SER B 313 7.66 -4.83 35.12
CA SER B 313 8.89 -4.36 34.48
C SER B 313 9.50 -5.39 33.53
N GLY B 314 10.28 -4.91 32.56
CA GLY B 314 10.98 -5.73 31.59
C GLY B 314 10.12 -6.71 30.82
N LEU B 315 8.96 -6.27 30.36
CA LEU B 315 8.04 -7.14 29.62
C LEU B 315 8.55 -7.42 28.21
N THR B 316 8.32 -8.64 27.73
CA THR B 316 8.70 -8.99 26.36
C THR B 316 7.53 -8.68 25.43
N PRO B 317 7.79 -8.45 24.13
CA PRO B 317 6.66 -8.21 23.19
C PRO B 317 5.60 -9.33 23.23
N THR B 318 6.02 -10.57 23.49
CA THR B 318 5.12 -11.72 23.59
C THR B 318 4.19 -11.56 24.79
N GLU B 319 4.75 -11.17 25.94
CA GLU B 319 3.97 -10.96 27.16
C GLU B 319 2.98 -9.83 26.98
N VAL B 320 3.41 -8.73 26.34
CA VAL B 320 2.55 -7.57 26.06
C VAL B 320 1.38 -8.01 25.19
N ARG B 321 1.67 -8.77 24.13
CA ARG B 321 0.66 -9.29 23.21
C ARG B 321 -0.32 -10.22 23.93
N SER B 322 0.20 -11.13 24.77
CA SER B 322 -0.59 -12.09 25.53
C SER B 322 -1.60 -11.40 26.45
N ARG B 323 -1.14 -10.42 27.23
CA ARG B 323 -2.01 -9.70 28.16
C ARG B 323 -3.04 -8.86 27.42
N ALA B 324 -2.64 -8.26 26.29
CA ALA B 324 -3.55 -7.45 25.49
C ALA B 324 -4.70 -8.31 24.95
N ARG B 325 -4.38 -9.51 24.46
CA ARG B 325 -5.38 -10.43 23.91
C ARG B 325 -6.35 -10.87 24.99
N ARG B 326 -5.84 -11.13 26.21
CA ARG B 326 -6.65 -11.54 27.35
C ARG B 326 -7.75 -10.52 27.64
N ILE B 327 -7.38 -9.25 27.71
CA ILE B 327 -8.32 -8.18 28.00
C ILE B 327 -9.26 -7.93 26.84
N ALA B 328 -8.73 -7.95 25.61
CA ALA B 328 -9.54 -7.74 24.42
C ALA B 328 -10.66 -8.76 24.29
N ARG B 329 -10.39 -10.02 24.69
CA ARG B 329 -11.40 -11.08 24.62
C ARG B 329 -12.59 -10.82 25.54
N GLU B 330 -12.35 -10.17 26.69
CA GLU B 330 -13.40 -9.87 27.65
C GLU B 330 -14.36 -8.79 27.16
N HIS B 331 -13.88 -7.88 26.30
CA HIS B 331 -14.70 -6.75 25.86
C HIS B 331 -14.96 -6.68 24.36
N GLY B 332 -14.52 -7.67 23.62
CA GLY B 332 -14.69 -7.69 22.16
C GLY B 332 -13.79 -6.69 21.43
N GLY B 333 -12.70 -6.28 22.08
CA GLY B 333 -11.73 -5.33 21.52
C GLY B 333 -11.17 -4.36 22.54
N LEU B 334 -10.21 -3.53 22.10
CA LEU B 334 -9.58 -2.50 22.94
C LEU B 334 -9.69 -1.14 22.26
N SER B 335 -9.79 -0.08 23.08
CA SER B 335 -9.86 1.28 22.54
C SER B 335 -8.47 1.82 22.25
N LEU B 336 -7.50 1.55 23.13
CA LEU B 336 -6.13 2.05 22.97
C LEU B 336 -5.14 1.25 23.81
N ILE B 337 -3.92 1.01 23.29
CA ILE B 337 -2.85 0.36 24.03
C ILE B 337 -1.71 1.34 24.18
N MET B 338 -1.30 1.65 25.41
CA MET B 338 -0.20 2.56 25.65
C MET B 338 0.96 1.79 26.27
N VAL B 339 2.15 1.89 25.69
CA VAL B 339 3.36 1.25 26.22
C VAL B 339 4.29 2.39 26.63
N ASP B 340 4.49 2.56 27.95
CA ASP B 340 5.23 3.67 28.53
C ASP B 340 6.62 3.98 27.92
N TYR B 341 7.57 3.05 27.84
CA TYR B 341 8.88 3.37 27.28
C TYR B 341 9.31 2.18 26.46
N LEU B 342 9.38 2.32 25.12
CA LEU B 342 9.74 1.22 24.23
C LEU B 342 11.08 0.57 24.58
N GLN B 343 12.06 1.39 24.95
CA GLN B 343 13.41 0.99 25.29
C GLN B 343 13.49 0.13 26.56
N LEU B 344 12.48 0.22 27.44
CA LEU B 344 12.45 -0.58 28.67
C LEU B 344 12.04 -2.04 28.44
N MET B 345 11.45 -2.34 27.29
CA MET B 345 11.08 -3.72 26.95
C MET B 345 12.32 -4.55 26.64
N ARG B 346 12.17 -5.88 26.68
CA ARG B 346 13.30 -6.75 26.42
C ARG B 346 12.96 -7.87 25.44
N VAL B 347 13.97 -8.32 24.67
CA VAL B 347 13.89 -9.42 23.73
C VAL B 347 15.05 -10.37 24.02
N PRO B 348 14.79 -11.42 24.83
CA PRO B 348 15.86 -12.34 25.20
C PRO B 348 16.68 -12.93 24.03
N ALA B 349 16.05 -13.06 22.87
CA ALA B 349 16.73 -13.60 21.69
C ALA B 349 17.70 -12.60 21.04
N LEU B 350 17.56 -11.30 21.32
CA LEU B 350 18.39 -10.27 20.71
C LEU B 350 19.20 -9.45 21.72
N THR B 351 19.66 -10.08 22.80
CA THR B 351 20.44 -9.40 23.83
C THR B 351 21.80 -8.89 23.31
N ASP B 352 22.33 -9.53 22.27
CA ASP B 352 23.61 -9.15 21.68
C ASP B 352 23.58 -7.83 20.91
N ASN B 353 22.38 -7.33 20.54
CA ASN B 353 22.26 -6.10 19.78
C ASN B 353 21.05 -5.28 20.20
N ARG B 354 21.27 -4.14 20.88
CA ARG B 354 20.23 -3.24 21.37
C ARG B 354 19.44 -2.61 20.23
N THR B 355 20.11 -2.18 19.16
CA THR B 355 19.45 -1.57 18.00
C THR B 355 18.45 -2.56 17.37
N LEU B 356 18.89 -3.80 17.14
CA LEU B 356 18.03 -4.85 16.58
C LEU B 356 16.92 -5.21 17.56
N GLU B 357 17.22 -5.21 18.86
CA GLU B 357 16.24 -5.51 19.90
C GLU B 357 15.10 -4.48 19.87
N ILE B 358 15.43 -3.19 19.79
CA ILE B 358 14.45 -2.11 19.73
C ILE B 358 13.67 -2.16 18.42
N ALA B 359 14.35 -2.49 17.31
CA ALA B 359 13.71 -2.62 16.01
C ALA B 359 12.67 -3.74 16.02
N GLU B 360 12.99 -4.86 16.68
CA GLU B 360 12.07 -6.00 16.79
C GLU B 360 10.88 -5.66 17.66
N ILE B 361 11.11 -4.91 18.74
CA ILE B 361 10.02 -4.46 19.62
C ILE B 361 9.06 -3.57 18.83
N SER B 362 9.62 -2.64 18.05
CA SER B 362 8.82 -1.75 17.21
C SER B 362 8.00 -2.53 16.18
N ARG B 363 8.59 -3.54 15.54
CA ARG B 363 7.89 -4.38 14.57
C ARG B 363 6.77 -5.19 15.24
N SER B 364 7.05 -5.73 16.44
CA SER B 364 6.10 -6.53 17.19
C SER B 364 4.91 -5.69 17.63
N LEU B 365 5.14 -4.45 18.06
CA LEU B 365 4.06 -3.57 18.48
C LEU B 365 3.18 -3.17 17.30
N LYS B 366 3.79 -2.98 16.12
CA LYS B 366 3.03 -2.67 14.90
C LYS B 366 2.17 -3.88 14.55
N ALA B 367 2.74 -5.10 14.65
CA ALA B 367 2.00 -6.33 14.40
C ALA B 367 0.85 -6.47 15.39
N LEU B 368 1.07 -6.08 16.65
CA LEU B 368 0.04 -6.12 17.67
C LEU B 368 -1.08 -5.15 17.30
N ALA B 369 -0.74 -3.94 16.86
CA ALA B 369 -1.72 -2.94 16.43
C ALA B 369 -2.61 -3.48 15.31
N LYS B 370 -2.01 -4.16 14.32
CA LYS B 370 -2.78 -4.71 13.20
C LYS B 370 -3.61 -5.91 13.62
N GLU B 371 -3.05 -6.76 14.48
CA GLU B 371 -3.71 -7.97 14.96
C GLU B 371 -4.99 -7.66 15.70
N LEU B 372 -4.94 -6.70 16.63
CA LEU B 372 -6.11 -6.35 17.42
C LEU B 372 -6.92 -5.18 16.87
N ASN B 373 -6.46 -4.56 15.77
CA ASN B 373 -7.10 -3.39 15.15
C ASN B 373 -7.27 -2.28 16.19
N VAL B 374 -6.18 -1.96 16.89
CA VAL B 374 -6.18 -0.96 17.97
C VAL B 374 -4.99 0.01 17.81
N PRO B 375 -5.17 1.31 18.09
CA PRO B 375 -4.00 2.21 18.06
C PRO B 375 -3.06 1.87 19.21
N VAL B 376 -1.76 1.72 18.91
CA VAL B 376 -0.76 1.43 19.92
C VAL B 376 0.17 2.62 20.09
N VAL B 377 0.12 3.29 21.24
CA VAL B 377 0.95 4.44 21.55
C VAL B 377 2.18 3.96 22.31
N ALA B 378 3.37 4.20 21.77
CA ALA B 378 4.61 3.80 22.41
C ALA B 378 5.48 5.04 22.67
N LEU B 379 5.89 5.24 23.92
CA LEU B 379 6.73 6.38 24.26
C LEU B 379 8.20 6.08 24.02
N SER B 380 8.92 7.04 23.46
CA SER B 380 10.34 6.89 23.16
C SER B 380 11.15 8.13 23.56
N GLN B 381 12.43 7.95 23.87
CA GLN B 381 13.28 9.07 24.24
C GLN B 381 14.06 9.57 23.04
N LEU B 382 14.27 10.88 22.98
CA LEU B 382 15.07 11.46 21.90
C LEU B 382 16.56 11.24 22.21
N ASN B 383 17.38 11.05 21.16
CA ASN B 383 18.81 10.82 21.34
C ASN B 383 19.51 11.99 21.99
N ARG B 384 20.53 11.70 22.79
CA ARG B 384 21.31 12.70 23.52
C ARG B 384 22.03 13.70 22.60
N SER B 385 22.30 13.30 21.35
CA SER B 385 22.96 14.15 20.37
C SER B 385 22.18 15.45 20.10
N LEU B 386 20.86 15.43 20.28
CA LEU B 386 20.00 16.58 20.08
C LEU B 386 20.37 17.73 21.02
N GLU B 387 20.75 17.41 22.27
CA GLU B 387 21.14 18.44 23.23
C GLU B 387 22.44 19.13 22.85
N GLN B 388 23.33 18.43 22.15
CA GLN B 388 24.56 19.01 21.67
C GLN B 388 24.28 20.07 20.60
N ARG B 389 23.24 19.84 19.77
CA ARG B 389 22.87 20.81 18.74
C ARG B 389 22.05 21.94 19.36
N ALA B 390 20.94 21.60 20.05
CA ALA B 390 20.01 22.49 20.75
C ALA B 390 19.64 23.76 20.00
N ASP B 391 19.71 23.73 18.66
CA ASP B 391 19.41 24.91 17.86
C ASP B 391 18.07 24.84 17.13
N LYS B 392 17.53 23.63 16.91
CA LYS B 392 16.27 23.49 16.20
C LYS B 392 15.32 22.47 16.89
N ARG B 393 14.11 22.30 16.35
CA ARG B 393 13.10 21.36 16.83
C ARG B 393 13.55 19.92 16.60
N PRO B 394 13.02 18.96 17.39
CA PRO B 394 13.40 17.55 17.16
C PRO B 394 12.95 17.05 15.78
N VAL B 395 13.74 16.16 15.21
CA VAL B 395 13.47 15.59 13.89
C VAL B 395 13.52 14.05 13.94
N ASN B 396 13.09 13.38 12.85
CA ASN B 396 13.06 11.93 12.75
C ASN B 396 14.44 11.31 12.94
N SER B 397 15.50 11.99 12.51
CA SER B 397 16.86 11.50 12.66
C SER B 397 17.26 11.29 14.12
N ASP B 398 16.67 12.08 15.03
CA ASP B 398 16.93 11.96 16.47
C ASP B 398 16.41 10.62 17.04
N LEU B 399 15.44 9.99 16.37
CA LEU B 399 14.90 8.72 16.79
C LEU B 399 15.58 7.54 16.07
N ARG B 400 16.03 7.75 14.83
CA ARG B 400 16.71 6.72 14.05
C ARG B 400 17.96 6.19 14.76
N GLU B 401 18.64 7.05 15.51
CA GLU B 401 19.82 6.66 16.26
C GLU B 401 19.51 5.70 17.43
N SER B 402 18.23 5.47 17.74
CA SER B 402 17.84 4.63 18.86
C SER B 402 17.08 3.35 18.49
N GLY B 403 17.25 2.83 17.27
CA GLY B 403 16.60 1.57 16.90
C GLY B 403 15.80 1.53 15.62
N SER B 404 15.97 2.53 14.73
CA SER B 404 15.29 2.64 13.43
C SER B 404 13.78 2.46 13.53
N ILE B 405 13.18 2.98 14.60
CA ILE B 405 11.76 2.83 14.87
C ILE B 405 10.86 3.61 13.88
N GLU B 406 11.43 4.57 13.14
CA GLU B 406 10.69 5.37 12.16
C GLU B 406 10.04 4.54 11.08
N GLN B 407 10.73 3.50 10.61
CA GLN B 407 10.26 2.62 9.54
C GLN B 407 8.97 1.88 9.87
N ASP B 408 8.76 1.58 11.14
CA ASP B 408 7.60 0.83 11.57
C ASP B 408 6.46 1.71 12.06
N ALA B 409 6.75 2.94 12.49
CA ALA B 409 5.73 3.84 12.99
C ALA B 409 4.82 4.40 11.92
N ASP B 410 3.51 4.39 12.17
CA ASP B 410 2.53 4.98 11.26
C ASP B 410 2.38 6.49 11.54
N LEU B 411 2.60 6.91 12.80
CA LEU B 411 2.53 8.29 13.24
C LEU B 411 3.65 8.57 14.26
N ILE B 412 4.42 9.65 14.05
CA ILE B 412 5.47 10.08 14.97
C ILE B 412 5.16 11.47 15.46
N MET B 413 5.04 11.64 16.78
CA MET B 413 4.77 12.94 17.37
C MET B 413 5.88 13.31 18.34
N PHE B 414 6.42 14.52 18.20
CA PHE B 414 7.48 15.04 19.07
C PHE B 414 6.93 16.11 20.00
N ILE B 415 7.46 16.18 21.22
CA ILE B 415 7.04 17.20 22.18
C ILE B 415 8.18 18.17 22.39
N TYR B 416 7.93 19.46 22.13
CA TYR B 416 8.94 20.50 22.27
C TYR B 416 8.45 21.64 23.14
N ARG B 417 9.22 21.99 24.16
CA ARG B 417 8.87 23.11 25.03
C ARG B 417 10.00 24.13 25.05
N ASP B 418 9.75 25.28 24.41
CA ASP B 418 10.72 26.36 24.31
C ASP B 418 11.09 26.89 25.68
N GLU B 419 10.15 26.91 26.63
CA GLU B 419 10.40 27.40 27.98
C GLU B 419 11.43 26.57 28.76
N VAL B 420 11.60 25.29 28.39
CA VAL B 420 12.57 24.42 29.05
C VAL B 420 13.98 24.84 28.65
N TYR B 421 14.18 25.14 27.36
CA TYR B 421 15.47 25.56 26.85
C TYR B 421 15.70 27.06 27.10
N HIS B 422 14.66 27.85 26.94
CA HIS B 422 14.67 29.29 27.10
C HIS B 422 13.61 29.72 28.10
N PRO B 423 13.97 29.86 29.39
CA PRO B 423 12.99 30.24 30.41
C PRO B 423 12.29 31.57 30.17
N ASP B 424 12.94 32.48 29.43
CA ASP B 424 12.37 33.78 29.09
C ASP B 424 11.62 33.76 27.74
N SER B 425 11.21 32.58 27.28
CA SER B 425 10.47 32.43 26.04
C SER B 425 9.10 33.06 26.17
N PRO B 426 8.62 33.74 25.12
CA PRO B 426 7.25 34.27 25.16
C PRO B 426 6.18 33.17 25.11
N LEU B 427 6.58 31.92 24.82
CA LEU B 427 5.67 30.79 24.74
C LEU B 427 5.62 30.02 26.05
N LYS B 428 5.72 30.72 27.19
CA LYS B 428 5.64 30.07 28.50
C LYS B 428 4.27 29.43 28.68
N GLY B 429 4.26 28.16 29.08
CA GLY B 429 3.04 27.38 29.24
C GLY B 429 2.53 26.76 27.95
N THR B 430 3.29 26.88 26.84
CA THR B 430 2.90 26.33 25.54
C THR B 430 3.85 25.21 25.12
N ALA B 431 3.28 24.07 24.74
CA ALA B 431 4.05 22.94 24.26
C ALA B 431 3.70 22.68 22.80
N GLU B 432 4.71 22.50 21.95
CA GLU B 432 4.51 22.25 20.54
C GLU B 432 4.57 20.76 20.24
N ILE B 433 3.51 20.24 19.63
CA ILE B 433 3.43 18.85 19.22
C ILE B 433 3.75 18.78 17.74
N ILE B 434 4.92 18.24 17.41
CA ILE B 434 5.37 18.16 16.03
C ILE B 434 5.06 16.82 15.41
N ILE B 435 4.33 16.83 14.29
CA ILE B 435 4.06 15.61 13.56
C ILE B 435 5.24 15.36 12.62
N GLY B 436 6.12 14.44 13.04
CA GLY B 436 7.31 14.10 12.29
C GLY B 436 7.06 13.13 11.15
N LYS B 437 6.04 12.27 11.30
CA LYS B 437 5.67 11.28 10.28
C LYS B 437 4.19 10.94 10.41
N GLN B 438 3.46 10.88 9.29
CA GLN B 438 2.05 10.50 9.31
C GLN B 438 1.66 9.82 8.01
N ARG B 439 1.16 8.58 8.11
CA ARG B 439 0.76 7.84 6.92
C ARG B 439 -0.58 8.29 6.36
N ASN B 440 -1.56 8.56 7.22
CA ASN B 440 -2.90 8.93 6.74
C ASN B 440 -3.29 10.39 7.03
N GLY B 441 -2.34 11.32 6.90
CA GLY B 441 -2.61 12.73 7.14
C GLY B 441 -1.41 13.63 6.94
N PRO B 442 -1.54 14.95 7.19
CA PRO B 442 -0.41 15.85 6.96
C PRO B 442 0.57 15.97 8.11
N ILE B 443 1.80 16.39 7.80
CA ILE B 443 2.82 16.67 8.80
C ILE B 443 2.70 18.17 9.16
N GLY B 444 3.16 18.52 10.35
CA GLY B 444 3.09 19.90 10.81
C GLY B 444 3.30 20.06 12.30
N SER B 445 2.65 21.05 12.91
CA SER B 445 2.78 21.27 14.34
C SER B 445 1.48 21.78 14.95
N VAL B 446 1.23 21.37 16.20
CA VAL B 446 0.04 21.76 16.96
C VAL B 446 0.51 22.36 18.28
N ARG B 447 0.01 23.54 18.62
CA ARG B 447 0.37 24.16 19.89
C ARG B 447 -0.67 23.82 20.95
N LEU B 448 -0.20 23.30 22.08
CA LEU B 448 -1.06 22.93 23.19
C LEU B 448 -0.65 23.67 24.45
N THR B 449 -1.61 23.91 25.35
CA THR B 449 -1.31 24.56 26.62
C THR B 449 -0.84 23.50 27.59
N PHE B 450 0.41 23.61 28.05
CA PHE B 450 0.97 22.69 29.00
C PHE B 450 0.79 23.22 30.42
N GLN B 451 0.04 22.49 31.23
CA GLN B 451 -0.21 22.83 32.62
C GLN B 451 0.47 21.80 33.52
N GLY B 452 1.74 22.03 33.80
CA GLY B 452 2.57 21.16 34.61
C GLY B 452 2.02 20.86 35.98
N HIS B 453 1.38 21.86 36.60
CA HIS B 453 0.78 21.72 37.91
C HIS B 453 -0.33 20.67 37.92
N TYR B 454 -1.05 20.55 36.81
CA TYR B 454 -2.13 19.58 36.70
C TYR B 454 -1.74 18.32 35.91
N SER B 455 -0.51 18.27 35.35
CA SER B 455 -0.03 17.18 34.49
C SER B 455 -1.02 17.03 33.33
N ARG B 456 -1.31 18.16 32.67
CA ARG B 456 -2.31 18.18 31.63
C ARG B 456 -1.98 19.06 30.45
N PHE B 457 -2.44 18.63 29.28
CA PHE B 457 -2.38 19.36 28.04
C PHE B 457 -3.80 19.78 27.70
N ASP B 458 -3.98 21.05 27.30
CA ASP B 458 -5.27 21.58 26.91
C ASP B 458 -5.20 22.14 25.48
N ASN B 459 -6.34 22.27 24.80
CA ASN B 459 -6.37 22.82 23.45
C ASN B 459 -6.32 24.34 23.47
N THR C 13 10.30 29.33 10.65
CA THR C 13 9.31 28.57 9.88
C THR C 13 8.24 29.50 9.32
N ALA C 14 7.80 29.26 8.08
CA ALA C 14 6.78 30.04 7.39
C ALA C 14 5.53 30.22 8.24
N THR C 15 5.12 29.17 8.96
CA THR C 15 3.95 29.23 9.83
C THR C 15 4.18 30.26 10.93
N ASP C 16 5.38 30.25 11.53
CA ASP C 16 5.73 31.18 12.59
C ASP C 16 5.84 32.62 12.09
N GLU C 17 6.43 32.82 10.90
CA GLU C 17 6.56 34.16 10.33
C GLU C 17 5.18 34.77 10.04
N LEU C 18 4.21 33.93 9.64
CA LEU C 18 2.86 34.41 9.36
C LEU C 18 2.06 34.73 10.63
N ILE C 19 2.46 34.16 11.77
CA ILE C 19 1.77 34.37 13.02
C ILE C 19 1.93 35.80 13.63
N GLN C 20 3.12 36.18 14.15
CA GLN C 20 3.35 37.41 14.91
C GLN C 20 2.84 38.66 14.24
N ALA C 21 3.08 38.80 12.93
CA ALA C 21 2.65 39.97 12.18
C ALA C 21 1.13 40.15 12.24
N SER C 22 0.39 39.04 12.14
CA SER C 22 -1.06 39.06 12.21
C SER C 22 -1.52 39.46 13.60
N LYS C 23 -0.86 38.92 14.64
CA LYS C 23 -1.20 39.23 16.03
C LYS C 23 -0.95 40.70 16.32
N LEU C 24 0.19 41.24 15.84
CA LEU C 24 0.53 42.64 16.05
C LEU C 24 -0.46 43.55 15.36
N LYS C 25 -0.88 43.19 14.15
CA LYS C 25 -1.86 43.95 13.38
C LYS C 25 -3.18 44.05 14.14
N GLN C 26 -3.63 42.93 14.74
CA GLN C 26 -4.86 42.91 15.53
C GLN C 26 -4.75 43.80 16.75
N ILE C 27 -3.58 43.83 17.39
CA ILE C 27 -3.37 44.68 18.56
C ILE C 27 -3.41 46.14 18.16
N GLN C 28 -2.73 46.49 17.08
CA GLN C 28 -2.70 47.85 16.52
C GLN C 28 -4.12 48.32 16.18
N GLU C 29 -4.91 47.43 15.60
CA GLU C 29 -6.26 47.74 15.18
C GLU C 29 -7.26 47.90 16.31
N HIS C 30 -7.23 47.03 17.36
CA HIS C 30 -8.34 47.02 18.31
C HIS C 30 -8.08 46.31 19.63
N ALA C 31 -7.10 45.37 19.65
CA ALA C 31 -6.80 44.67 20.90
C ALA C 31 -6.23 45.61 21.95
N LYS C 32 -5.44 46.62 21.52
CA LYS C 32 -4.90 47.62 22.44
C LYS C 32 -6.03 48.41 23.09
N ALA C 33 -7.08 48.75 22.30
CA ALA C 33 -8.24 49.47 22.84
C ALA C 33 -8.94 48.62 23.91
N ILE C 34 -9.06 47.30 23.64
CA ILE C 34 -9.66 46.37 24.60
C ILE C 34 -8.84 46.32 25.87
N LEU C 35 -7.51 46.27 25.73
CA LEU C 35 -6.60 46.24 26.88
C LEU C 35 -6.73 47.52 27.72
N LEU C 36 -6.86 48.68 27.04
CA LEU C 36 -7.03 49.95 27.72
C LEU C 36 -8.35 49.96 28.48
N ILE C 37 -9.42 49.40 27.88
CA ILE C 37 -10.72 49.33 28.53
C ILE C 37 -10.64 48.41 29.75
N ASN C 38 -9.96 47.27 29.62
CA ASN C 38 -9.79 46.34 30.72
C ASN C 38 -9.06 46.99 31.89
N ARG C 39 -8.07 47.84 31.60
CA ARG C 39 -7.33 48.56 32.62
C ARG C 39 -8.27 49.56 33.32
N GLN C 40 -9.08 50.27 32.52
CA GLN C 40 -10.03 51.25 33.05
C GLN C 40 -11.09 50.58 33.91
N LEU C 41 -11.58 49.41 33.49
CA LEU C 41 -12.59 48.67 34.24
C LEU C 41 -12.10 48.31 35.65
N GLN C 42 -10.79 48.11 35.83
CA GLN C 42 -10.23 47.82 37.14
C GLN C 42 -10.38 49.01 38.11
N ASP C 43 -10.44 50.23 37.58
CA ASP C 43 -10.62 51.43 38.38
C ASP C 43 -12.10 51.73 38.59
N ILE C 44 -12.94 51.43 37.58
CA ILE C 44 -14.36 51.71 37.60
C ILE C 44 -15.17 50.72 38.45
N LEU C 45 -14.96 49.42 38.24
CA LEU C 45 -15.69 48.37 38.94
C LEU C 45 -15.43 48.31 40.44
N PRO C 46 -16.47 48.04 41.23
CA PRO C 46 -16.28 47.92 42.69
C PRO C 46 -15.52 46.65 43.09
N LYS C 47 -15.09 46.59 44.36
CA LYS C 47 -14.29 45.56 45.02
C LYS C 47 -14.25 44.13 44.38
N GLY C 48 -15.29 43.30 44.53
CA GLY C 48 -15.33 41.91 44.05
C GLY C 48 -15.78 41.71 42.63
N LEU C 49 -15.91 42.80 41.86
CA LEU C 49 -16.29 42.70 40.44
C LEU C 49 -15.07 42.87 39.52
N LYS C 50 -14.01 43.54 40.01
CA LYS C 50 -12.78 43.85 39.27
C LYS C 50 -12.13 42.62 38.63
N THR C 51 -12.16 41.49 39.31
CA THR C 51 -11.53 40.27 38.81
C THR C 51 -12.50 39.32 38.11
N GLN C 52 -13.81 39.58 38.18
CA GLN C 52 -14.82 38.71 37.61
C GLN C 52 -15.50 39.24 36.35
N VAL C 53 -15.23 40.50 35.98
CA VAL C 53 -15.82 41.12 34.80
C VAL C 53 -14.72 41.66 33.88
N ARG C 54 -14.75 41.31 32.59
CA ARG C 54 -13.74 41.77 31.65
C ARG C 54 -14.33 42.18 30.30
N ALA C 55 -13.64 43.07 29.57
CA ALA C 55 -14.04 43.49 28.23
C ALA C 55 -13.57 42.42 27.26
N ALA C 56 -14.50 41.89 26.48
CA ALA C 56 -14.22 40.83 25.54
C ALA C 56 -13.98 41.33 24.12
N ASN C 57 -14.83 42.25 23.63
CA ASN C 57 -14.70 42.74 22.26
C ASN C 57 -15.21 44.17 22.10
N VAL C 58 -14.68 44.87 21.11
CA VAL C 58 -15.11 46.22 20.75
C VAL C 58 -15.33 46.26 19.25
N ARG C 59 -16.56 46.57 18.83
CA ARG C 59 -16.90 46.66 17.42
C ARG C 59 -17.71 47.92 17.15
N GLY C 60 -17.10 48.87 16.46
CA GLY C 60 -17.73 50.16 16.19
C GLY C 60 -17.97 50.92 17.49
N GLY C 61 -19.23 51.19 17.77
CA GLY C 61 -19.60 51.84 19.02
C GLY C 61 -20.16 50.91 20.07
N ASN C 62 -19.97 49.59 19.88
CA ASN C 62 -20.48 48.61 20.82
C ASN C 62 -19.38 47.89 21.58
N LEU C 63 -19.52 47.83 22.92
CA LEU C 63 -18.57 47.16 23.78
C LEU C 63 -19.22 45.90 24.35
N VAL C 64 -18.52 44.77 24.28
CA VAL C 64 -19.03 43.52 24.82
C VAL C 64 -18.30 43.17 26.10
N LEU C 65 -19.02 43.13 27.22
CA LEU C 65 -18.45 42.75 28.51
C LEU C 65 -18.86 41.33 28.83
N GLU C 66 -18.00 40.61 29.54
CA GLU C 66 -18.31 39.25 29.96
C GLU C 66 -18.26 39.15 31.48
N ALA C 67 -19.30 38.56 32.05
CA ALA C 67 -19.41 38.33 33.49
C ALA C 67 -19.29 36.84 33.75
N ALA C 68 -18.67 36.46 34.88
CA ALA C 68 -18.50 35.05 35.22
C ALA C 68 -19.82 34.31 35.46
N SER C 69 -20.87 35.02 35.89
CA SER C 69 -22.18 34.42 36.15
C SER C 69 -23.34 35.36 35.81
N ALA C 70 -24.57 34.83 35.74
CA ALA C 70 -25.77 35.61 35.48
C ALA C 70 -26.02 36.62 36.60
N ALA C 71 -25.71 36.25 37.85
CA ALA C 71 -25.87 37.15 39.00
C ALA C 71 -24.93 38.34 38.84
N LEU C 72 -23.68 38.08 38.39
CA LEU C 72 -22.71 39.14 38.16
C LEU C 72 -23.13 40.01 36.99
N LYS C 73 -23.74 39.43 35.94
CA LYS C 73 -24.26 40.19 34.80
C LYS C 73 -25.26 41.24 35.28
N MET C 74 -26.14 40.86 36.21
CA MET C 74 -27.12 41.78 36.78
C MET C 74 -26.44 42.94 37.48
N LYS C 75 -25.37 42.68 38.25
CA LYS C 75 -24.62 43.72 38.94
C LYS C 75 -23.95 44.67 37.96
N VAL C 76 -23.41 44.12 36.86
CA VAL C 76 -22.79 44.93 35.83
C VAL C 76 -23.84 45.79 35.14
N ASP C 77 -25.02 45.22 34.86
CA ASP C 77 -26.13 45.92 34.24
C ASP C 77 -26.58 47.12 35.08
N TYR C 78 -26.53 47.00 36.42
CA TYR C 78 -26.90 48.10 37.33
C TYR C 78 -25.96 49.30 37.09
N GLU C 79 -24.66 49.05 36.96
CA GLU C 79 -23.67 50.11 36.77
C GLU C 79 -23.25 50.36 35.33
N ARG C 80 -23.95 49.76 34.36
CA ARG C 80 -23.61 49.86 32.95
C ARG C 80 -23.49 51.29 32.43
N LEU C 81 -24.43 52.16 32.80
CA LEU C 81 -24.42 53.55 32.37
C LEU C 81 -23.22 54.29 32.95
N HIS C 82 -22.86 53.98 34.19
CA HIS C 82 -21.71 54.59 34.86
C HIS C 82 -20.43 54.23 34.11
N ILE C 83 -20.28 52.95 33.76
CA ILE C 83 -19.12 52.45 33.01
C ILE C 83 -19.02 53.15 31.66
N LEU C 84 -20.14 53.18 30.91
CA LEU C 84 -20.18 53.79 29.59
C LEU C 84 -19.82 55.27 29.64
N THR C 85 -20.39 56.00 30.61
CA THR C 85 -20.11 57.42 30.77
C THR C 85 -18.63 57.67 31.02
N GLN C 86 -18.03 56.92 31.96
CA GLN C 86 -16.63 57.10 32.29
C GLN C 86 -15.69 56.72 31.15
N LEU C 87 -16.03 55.68 30.37
CA LEU C 87 -15.21 55.29 29.22
C LEU C 87 -15.19 56.42 28.19
N ARG C 88 -16.33 57.06 27.96
CA ARG C 88 -16.46 58.17 27.02
C ARG C 88 -15.64 59.38 27.49
N GLN C 89 -15.72 59.69 28.78
CA GLN C 89 -14.96 60.81 29.36
C GLN C 89 -13.45 60.60 29.21
N ASN C 90 -13.00 59.33 29.20
CA ASN C 90 -11.60 58.98 29.07
C ASN C 90 -11.11 58.78 27.64
N GLY C 91 -11.88 59.23 26.65
CA GLY C 91 -11.45 59.15 25.26
C GLY C 91 -12.15 58.16 24.35
N PHE C 92 -13.07 57.33 24.89
CA PHE C 92 -13.79 56.37 24.04
C PHE C 92 -15.16 56.93 23.68
N GLY C 93 -15.15 58.12 23.08
CA GLY C 93 -16.37 58.82 22.66
C GLY C 93 -17.18 58.08 21.62
N HIS C 94 -16.54 57.16 20.89
CA HIS C 94 -17.22 56.35 19.88
C HIS C 94 -18.16 55.31 20.49
N LEU C 95 -17.91 54.88 21.75
CA LEU C 95 -18.76 53.89 22.40
C LEU C 95 -20.10 54.47 22.83
N ILE C 96 -21.19 53.88 22.34
CA ILE C 96 -22.54 54.33 22.68
C ILE C 96 -23.42 53.22 23.27
N SER C 97 -22.95 51.96 23.25
CA SER C 97 -23.73 50.85 23.76
C SER C 97 -22.85 49.74 24.34
N ILE C 98 -23.38 49.03 25.34
CA ILE C 98 -22.68 47.92 25.97
C ILE C 98 -23.57 46.68 26.01
N GLU C 99 -23.04 45.55 25.56
CA GLU C 99 -23.73 44.27 25.62
C GLU C 99 -23.01 43.42 26.67
N VAL C 100 -23.76 42.88 27.64
CA VAL C 100 -23.16 42.05 28.67
C VAL C 100 -23.54 40.58 28.48
N ARG C 101 -22.53 39.70 28.42
CA ARG C 101 -22.72 38.26 28.23
C ARG C 101 -22.14 37.48 29.41
N VAL C 102 -22.57 36.22 29.57
CA VAL C 102 -22.04 35.39 30.64
C VAL C 102 -21.00 34.42 30.07
N ASN C 103 -19.77 34.49 30.58
CA ASN C 103 -18.69 33.62 30.14
C ASN C 103 -17.96 32.99 31.32
N PRO C 104 -18.06 31.67 31.45
CA PRO C 104 -17.39 30.98 32.57
C PRO C 104 -15.86 30.82 32.35
N GLU C 105 -15.28 29.61 32.37
CA GLU C 105 -13.86 29.42 32.15
C GLU C 105 -13.44 29.49 30.67
N LEU C 106 -14.36 29.74 29.73
CA LEU C 106 -14.05 29.80 28.31
C LEU C 106 -12.98 30.84 27.96
N TYR C 107 -11.88 30.33 27.38
CA TYR C 107 -10.71 31.09 27.07
C TYR C 107 -10.79 31.88 25.75
N ARG C 108 -10.89 33.19 25.89
CA ARG C 108 -10.99 34.11 24.77
C ARG C 108 -9.92 33.93 23.65
N GLN C 109 -8.63 34.15 23.96
CA GLN C 109 -7.58 34.02 22.95
C GLN C 109 -7.37 32.59 22.48
N SER C 110 -7.58 31.63 23.39
CA SER C 110 -7.44 30.22 23.08
C SER C 110 -8.51 29.79 22.07
N LYS C 111 -9.73 30.31 22.21
CA LYS C 111 -10.81 30.02 21.26
C LYS C 111 -10.44 30.57 19.88
N ILE C 112 -9.84 31.75 19.84
CA ILE C 112 -9.38 32.37 18.60
C ILE C 112 -8.31 31.48 17.96
N THR C 113 -7.31 31.04 18.73
CA THR C 113 -6.23 30.18 18.25
C THR C 113 -6.75 28.83 17.77
N SER C 114 -7.76 28.27 18.45
CA SER C 114 -8.30 26.97 18.08
C SER C 114 -9.21 27.00 16.84
N GLU C 115 -9.95 28.09 16.61
CA GLU C 115 -10.84 28.17 15.44
C GLU C 115 -10.54 29.40 14.57
N ASP C 116 -9.27 29.59 14.19
CA ASP C 116 -8.84 30.74 13.39
C ASP C 116 -8.99 30.58 11.88
N ALA C 117 -8.36 29.55 11.27
CA ALA C 117 -8.39 29.36 9.84
C ALA C 117 -9.70 28.76 9.38
N ARG C 118 -10.73 29.61 9.20
CA ARG C 118 -12.08 29.24 8.76
C ARG C 118 -12.85 28.39 9.78
N ALA C 119 -14.17 28.65 9.93
CA ALA C 119 -15.02 27.89 10.85
C ALA C 119 -15.07 26.42 10.42
N ALA C 120 -14.70 25.52 11.33
CA ALA C 120 -14.66 24.10 11.00
C ALA C 120 -15.93 23.39 11.41
N ASN C 121 -17.00 23.56 10.62
CA ASN C 121 -18.27 22.91 10.89
C ASN C 121 -18.49 21.78 9.88
N PRO C 122 -18.12 20.54 10.24
CA PRO C 122 -18.30 19.43 9.30
C PRO C 122 -19.72 18.92 9.21
N ARG C 123 -20.26 18.90 7.99
CA ARG C 123 -21.60 18.41 7.72
C ARG C 123 -21.53 17.33 6.64
N PRO C 124 -21.32 16.08 7.05
CA PRO C 124 -21.17 15.00 6.06
C PRO C 124 -22.39 14.13 5.67
N PRO C 125 -23.69 14.48 5.86
CA PRO C 125 -24.76 13.57 5.43
C PRO C 125 -24.72 13.35 3.92
N LEU C 126 -24.95 12.11 3.50
CA LEU C 126 -24.88 11.72 2.12
C LEU C 126 -26.02 12.26 1.26
N SER C 127 -25.71 12.59 0.01
CA SER C 127 -26.69 13.17 -0.91
C SER C 127 -27.38 12.12 -1.76
N GLU C 128 -28.59 12.45 -2.23
CA GLU C 128 -29.33 11.59 -3.15
C GLU C 128 -28.55 11.43 -4.46
N HIS C 129 -27.76 12.45 -4.84
CA HIS C 129 -26.90 12.45 -6.01
C HIS C 129 -25.89 11.32 -5.88
N ALA C 130 -25.26 11.18 -4.70
CA ALA C 130 -24.26 10.15 -4.48
C ALA C 130 -24.89 8.77 -4.60
N ALA C 131 -26.11 8.59 -4.06
CA ALA C 131 -26.82 7.32 -4.15
C ALA C 131 -27.11 6.97 -5.60
N HIS C 132 -27.47 7.96 -6.41
CA HIS C 132 -27.75 7.79 -7.83
C HIS C 132 -26.49 7.35 -8.57
N VAL C 133 -25.34 8.00 -8.30
CA VAL C 133 -24.11 7.63 -8.97
C VAL C 133 -23.64 6.24 -8.52
N LEU C 134 -23.84 5.89 -7.24
CA LEU C 134 -23.48 4.57 -6.73
C LEU C 134 -24.29 3.47 -7.44
N LEU C 135 -25.58 3.72 -7.69
CA LEU C 135 -26.42 2.78 -8.40
C LEU C 135 -26.05 2.71 -9.89
N ALA C 136 -25.64 3.84 -10.48
CA ALA C 136 -25.20 3.88 -11.86
C ALA C 136 -23.94 3.03 -12.04
N ILE C 137 -23.02 3.05 -11.05
CA ILE C 137 -21.81 2.25 -11.11
C ILE C 137 -22.16 0.77 -10.89
N ALA C 138 -23.09 0.48 -9.96
CA ALA C 138 -23.55 -0.87 -9.65
C ALA C 138 -24.05 -1.63 -10.88
N ASP C 139 -24.59 -0.90 -11.87
CA ASP C 139 -25.07 -1.50 -13.12
C ASP C 139 -23.93 -2.10 -13.96
N GLN C 140 -22.73 -1.54 -13.86
CA GLN C 140 -21.54 -1.98 -14.58
C GLN C 140 -20.62 -2.88 -13.74
N ALA C 141 -20.83 -2.93 -12.42
CA ALA C 141 -20.02 -3.70 -11.49
C ALA C 141 -20.37 -5.18 -11.46
N SER C 142 -19.40 -6.01 -11.06
CA SER C 142 -19.63 -7.45 -10.90
C SER C 142 -20.62 -7.65 -9.73
N ASP C 143 -21.27 -8.81 -9.63
CA ASP C 143 -22.25 -9.08 -8.58
C ASP C 143 -21.79 -8.78 -7.15
N LYS C 144 -20.51 -9.05 -6.84
CA LYS C 144 -19.97 -8.79 -5.51
C LYS C 144 -19.87 -7.30 -5.23
N VAL C 145 -19.41 -6.53 -6.20
CA VAL C 145 -19.26 -5.08 -6.09
C VAL C 145 -20.61 -4.38 -6.16
N LYS C 146 -21.53 -4.91 -6.99
CA LYS C 146 -22.87 -4.40 -7.17
C LYS C 146 -23.62 -4.40 -5.84
N LYS C 147 -23.53 -5.49 -5.07
CA LYS C 147 -24.19 -5.59 -3.76
C LYS C 147 -23.66 -4.53 -2.78
N ARG C 148 -22.34 -4.30 -2.77
CA ARG C 148 -21.73 -3.31 -1.87
C ARG C 148 -22.12 -1.88 -2.28
N LEU C 149 -22.20 -1.61 -3.59
CA LEU C 149 -22.58 -0.30 -4.11
C LEU C 149 -24.05 -0.01 -3.83
N GLN C 150 -24.92 -1.03 -3.97
CA GLN C 150 -26.34 -0.89 -3.67
C GLN C 150 -26.53 -0.68 -2.17
N SER C 151 -25.72 -1.37 -1.34
CA SER C 151 -25.77 -1.23 0.11
C SER C 151 -25.39 0.19 0.51
N LEU C 152 -24.34 0.74 -0.12
CA LEU C 152 -23.88 2.11 0.16
C LEU C 152 -24.93 3.13 -0.31
N ALA C 153 -25.56 2.88 -1.46
CA ALA C 153 -26.60 3.76 -2.00
C ALA C 153 -27.85 3.73 -1.10
N ARG C 154 -28.15 2.57 -0.51
CA ARG C 154 -29.27 2.42 0.42
C ARG C 154 -28.99 3.23 1.70
N LEU C 155 -27.73 3.25 2.14
CA LEU C 155 -27.32 4.02 3.31
C LEU C 155 -27.41 5.53 3.06
N ALA C 156 -27.35 5.97 1.79
CA ALA C 156 -27.44 7.38 1.44
C ALA C 156 -28.84 7.96 1.66
N LYS C 157 -28.99 8.83 2.67
CA LYS C 157 -30.26 9.47 2.99
C LYS C 157 -30.38 10.89 2.43
N ALA C 158 -31.58 11.24 1.97
CA ALA C 158 -31.89 12.58 1.45
C ALA C 158 -33.40 12.91 1.63
N ASN C 159 -34.35 12.23 0.91
CA ASN C 159 -35.83 12.34 0.90
C ASN C 159 -36.39 13.76 0.65
N GLN C 160 -35.72 14.55 -0.21
CA GLN C 160 -36.19 15.89 -0.55
C GLN C 160 -37.40 15.84 -1.47
N LYS C 161 -38.33 16.80 -1.27
CA LYS C 161 -39.58 16.98 -2.01
C LYS C 161 -40.49 15.76 -1.93
N ASP D 16 12.25 21.83 -38.10
CA ASP D 16 10.88 21.61 -38.53
C ASP D 16 9.89 21.81 -37.39
N GLU D 17 10.20 21.31 -36.19
CA GLU D 17 9.33 21.47 -35.03
C GLU D 17 9.16 22.93 -34.64
N LEU D 18 10.21 23.74 -34.85
CA LEU D 18 10.17 25.17 -34.54
C LEU D 18 9.39 25.98 -35.58
N ILE D 19 9.21 25.44 -36.79
CA ILE D 19 8.53 26.13 -37.85
C ILE D 19 7.04 26.31 -37.59
N GLN D 20 6.54 27.50 -37.96
CA GLN D 20 5.15 27.91 -37.82
C GLN D 20 4.15 26.91 -38.39
N ALA D 21 4.44 26.34 -39.56
CA ALA D 21 3.58 25.35 -40.20
C ALA D 21 3.36 24.14 -39.29
N SER D 22 4.41 23.69 -38.60
CA SER D 22 4.31 22.56 -37.68
C SER D 22 3.48 22.93 -36.47
N LYS D 23 3.65 24.15 -35.95
CA LYS D 23 2.88 24.63 -34.80
C LYS D 23 1.39 24.75 -35.15
N LEU D 24 1.08 25.26 -36.35
CA LEU D 24 -0.29 25.40 -36.81
C LEU D 24 -0.94 24.04 -37.01
N LYS D 25 -0.17 23.07 -37.53
CA LYS D 25 -0.66 21.71 -37.72
C LYS D 25 -1.05 21.10 -36.39
N GLN D 26 -0.24 21.30 -35.34
CA GLN D 26 -0.54 20.77 -34.00
C GLN D 26 -1.82 21.40 -33.42
N ILE D 27 -2.03 22.69 -33.70
CA ILE D 27 -3.24 23.37 -33.24
C ILE D 27 -4.46 22.81 -33.96
N GLN D 28 -4.36 22.64 -35.28
CA GLN D 28 -5.42 22.07 -36.10
C GLN D 28 -5.76 20.65 -35.65
N GLU D 29 -4.74 19.85 -35.30
CA GLU D 29 -4.88 18.47 -34.87
C GLU D 29 -5.53 18.32 -33.51
N HIS D 30 -5.13 19.15 -32.49
CA HIS D 30 -5.87 19.03 -31.24
C HIS D 30 -7.32 19.55 -31.44
N ALA D 31 -7.55 20.54 -32.32
CA ALA D 31 -8.91 21.03 -32.56
C ALA D 31 -9.76 19.96 -33.24
N LYS D 32 -9.16 19.18 -34.15
CA LYS D 32 -9.84 18.08 -34.82
C LYS D 32 -10.26 17.04 -33.82
N ALA D 33 -9.40 16.74 -32.83
CA ALA D 33 -9.73 15.77 -31.77
C ALA D 33 -10.93 16.27 -30.96
N ILE D 34 -10.97 17.58 -30.67
CA ILE D 34 -12.09 18.19 -29.95
C ILE D 34 -13.37 18.07 -30.77
N LEU D 35 -13.28 18.30 -32.08
CA LEU D 35 -14.41 18.18 -32.99
C LEU D 35 -14.93 16.75 -33.03
N LEU D 36 -14.03 15.77 -33.06
CA LEU D 36 -14.39 14.36 -33.06
C LEU D 36 -15.10 14.01 -31.75
N ILE D 37 -14.60 14.54 -30.62
CA ILE D 37 -15.23 14.30 -29.32
C ILE D 37 -16.61 14.92 -29.28
N ASN D 38 -16.77 16.14 -29.81
CA ASN D 38 -18.07 16.82 -29.85
C ASN D 38 -19.07 16.02 -30.67
N ARG D 39 -18.61 15.41 -31.78
CA ARG D 39 -19.46 14.57 -32.61
C ARG D 39 -19.89 13.33 -31.82
N GLN D 40 -18.95 12.72 -31.11
CA GLN D 40 -19.20 11.53 -30.30
C GLN D 40 -20.16 11.82 -29.17
N LEU D 41 -20.01 12.98 -28.52
CA LEU D 41 -20.89 13.40 -27.43
C LEU D 41 -22.34 13.48 -27.87
N GLN D 42 -22.60 13.82 -29.13
CA GLN D 42 -23.96 13.88 -29.66
C GLN D 42 -24.62 12.49 -29.68
N ASP D 43 -23.82 11.43 -29.80
CA ASP D 43 -24.32 10.05 -29.79
C ASP D 43 -24.43 9.52 -28.36
N ILE D 44 -23.51 9.93 -27.48
CA ILE D 44 -23.43 9.46 -26.11
C ILE D 44 -24.46 10.11 -25.19
N LEU D 45 -24.56 11.44 -25.22
CA LEU D 45 -25.46 12.19 -24.35
C LEU D 45 -26.92 11.93 -24.61
N PRO D 46 -27.74 11.87 -23.55
CA PRO D 46 -29.18 11.68 -23.74
C PRO D 46 -29.90 12.91 -24.32
N LYS D 47 -31.16 12.72 -24.74
CA LYS D 47 -32.04 13.77 -25.28
C LYS D 47 -32.14 14.90 -24.25
N GLY D 48 -31.93 16.11 -24.72
CA GLY D 48 -31.95 17.29 -23.87
C GLY D 48 -30.58 17.76 -23.42
N LEU D 49 -29.58 16.88 -23.43
CA LEU D 49 -28.21 17.24 -23.04
C LEU D 49 -27.29 17.45 -24.25
N LYS D 50 -27.63 16.84 -25.39
CA LYS D 50 -26.87 16.87 -26.64
C LYS D 50 -26.54 18.28 -27.12
N THR D 51 -27.47 19.21 -26.95
CA THR D 51 -27.29 20.58 -27.42
C THR D 51 -26.79 21.55 -26.32
N GLN D 52 -26.77 21.10 -25.06
CA GLN D 52 -26.39 21.95 -23.94
C GLN D 52 -25.03 21.63 -23.31
N VAL D 53 -24.38 20.54 -23.76
CA VAL D 53 -23.07 20.13 -23.25
C VAL D 53 -22.09 19.96 -24.40
N ARG D 54 -20.92 20.60 -24.31
CA ARG D 54 -19.91 20.50 -25.37
C ARG D 54 -18.49 20.34 -24.82
N ALA D 55 -17.60 19.74 -25.62
CA ALA D 55 -16.20 19.59 -25.26
C ALA D 55 -15.49 20.90 -25.57
N ALA D 56 -14.84 21.46 -24.57
CA ALA D 56 -14.17 22.75 -24.72
C ALA D 56 -12.68 22.61 -25.02
N ASN D 57 -11.97 21.72 -24.30
CA ASN D 57 -10.53 21.57 -24.49
C ASN D 57 -10.03 20.17 -24.16
N VAL D 58 -8.91 19.78 -24.78
CA VAL D 58 -8.25 18.51 -24.52
C VAL D 58 -6.77 18.78 -24.29
N ARG D 59 -6.27 18.43 -23.10
CA ARG D 59 -4.87 18.61 -22.78
C ARG D 59 -4.31 17.36 -22.11
N GLY D 60 -3.43 16.67 -22.83
CA GLY D 60 -2.86 15.42 -22.35
C GLY D 60 -3.92 14.36 -22.22
N GLY D 61 -4.13 13.88 -20.99
CA GLY D 61 -5.18 12.91 -20.72
C GLY D 61 -6.40 13.51 -20.05
N ASN D 62 -6.53 14.84 -20.08
CA ASN D 62 -7.66 15.52 -19.46
C ASN D 62 -8.59 16.17 -20.48
N LEU D 63 -9.90 15.90 -20.34
CA LEU D 63 -10.92 16.48 -21.22
C LEU D 63 -11.73 17.48 -20.41
N VAL D 64 -11.95 18.68 -20.96
CA VAL D 64 -12.75 19.70 -20.29
C VAL D 64 -14.10 19.82 -20.99
N LEU D 65 -15.18 19.52 -20.27
CA LEU D 65 -16.53 19.66 -20.79
C LEU D 65 -17.17 20.90 -20.20
N GLU D 66 -18.03 21.54 -20.96
CA GLU D 66 -18.75 22.71 -20.48
C GLU D 66 -20.24 22.46 -20.52
N ALA D 67 -20.91 22.76 -19.42
CA ALA D 67 -22.36 22.63 -19.29
C ALA D 67 -22.96 24.02 -19.20
N ALA D 68 -24.15 24.22 -19.77
CA ALA D 68 -24.80 25.53 -19.77
C ALA D 68 -25.19 26.01 -18.35
N SER D 69 -25.43 25.09 -17.42
CA SER D 69 -25.79 25.44 -16.04
C SER D 69 -25.22 24.46 -15.01
N ALA D 70 -25.25 24.83 -13.72
CA ALA D 70 -24.79 23.96 -12.64
C ALA D 70 -25.64 22.70 -12.53
N ALA D 71 -26.96 22.80 -12.81
CA ALA D 71 -27.86 21.66 -12.80
C ALA D 71 -27.45 20.67 -13.89
N LEU D 72 -27.10 21.19 -15.08
CA LEU D 72 -26.65 20.36 -16.18
C LEU D 72 -25.31 19.73 -15.88
N LYS D 73 -24.42 20.45 -15.17
CA LYS D 73 -23.11 19.92 -14.76
C LYS D 73 -23.32 18.66 -13.92
N MET D 74 -24.28 18.69 -13.00
CA MET D 74 -24.62 17.55 -12.16
C MET D 74 -25.05 16.35 -12.99
N LYS D 75 -25.88 16.57 -14.02
CA LYS D 75 -26.33 15.50 -14.92
C LYS D 75 -25.17 14.90 -15.69
N VAL D 76 -24.24 15.74 -16.14
CA VAL D 76 -23.06 15.29 -16.86
C VAL D 76 -22.18 14.47 -15.92
N ASP D 77 -22.01 14.94 -14.67
CA ASP D 77 -21.22 14.26 -13.65
C ASP D 77 -21.76 12.85 -13.37
N TYR D 78 -23.09 12.67 -13.42
CA TYR D 78 -23.72 11.36 -13.22
C TYR D 78 -23.23 10.36 -14.29
N GLU D 79 -23.18 10.81 -15.55
CA GLU D 79 -22.78 9.94 -16.66
C GLU D 79 -21.32 10.10 -17.10
N ARG D 80 -20.50 10.79 -16.31
CA ARG D 80 -19.11 11.06 -16.65
C ARG D 80 -18.28 9.83 -16.96
N LEU D 81 -18.41 8.78 -16.14
CA LEU D 81 -17.68 7.55 -16.34
C LEU D 81 -18.09 6.87 -17.65
N HIS D 82 -19.39 6.92 -17.96
CA HIS D 82 -19.91 6.33 -19.19
C HIS D 82 -19.30 7.02 -20.40
N ILE D 83 -19.26 8.36 -20.37
CA ILE D 83 -18.67 9.15 -21.45
C ILE D 83 -17.19 8.81 -21.62
N LEU D 84 -16.43 8.82 -20.52
CA LEU D 84 -15.01 8.52 -20.54
C LEU D 84 -14.73 7.14 -21.10
N THR D 85 -15.49 6.13 -20.66
CA THR D 85 -15.32 4.75 -21.12
C THR D 85 -15.55 4.65 -22.63
N GLN D 86 -16.63 5.25 -23.14
CA GLN D 86 -16.95 5.19 -24.55
C GLN D 86 -15.93 5.94 -25.40
N LEU D 87 -15.41 7.08 -24.92
CA LEU D 87 -14.40 7.82 -25.65
C LEU D 87 -13.14 6.98 -25.82
N ARG D 88 -12.74 6.25 -24.77
CA ARG D 88 -11.58 5.39 -24.81
C ARG D 88 -11.77 4.23 -25.79
N GLN D 89 -12.95 3.61 -25.77
CA GLN D 89 -13.27 2.52 -26.69
C GLN D 89 -13.21 2.96 -28.15
N ASN D 90 -13.49 4.25 -28.41
CA ASN D 90 -13.47 4.82 -29.75
C ASN D 90 -12.13 5.41 -30.19
N GLY D 91 -11.05 5.08 -29.48
CA GLY D 91 -9.72 5.54 -29.88
C GLY D 91 -9.06 6.61 -29.04
N PHE D 92 -9.74 7.15 -28.02
CA PHE D 92 -9.14 8.17 -27.16
C PHE D 92 -8.64 7.53 -25.86
N GLY D 93 -7.79 6.52 -26.01
CA GLY D 93 -7.21 5.78 -24.89
C GLY D 93 -6.35 6.61 -23.96
N HIS D 94 -5.86 7.75 -24.46
CA HIS D 94 -5.04 8.66 -23.67
C HIS D 94 -5.86 9.41 -22.62
N LEU D 95 -7.17 9.57 -22.83
CA LEU D 95 -8.02 10.29 -21.88
C LEU D 95 -8.28 9.45 -20.62
N ILE D 96 -7.92 9.98 -19.46
CA ILE D 96 -8.13 9.30 -18.18
C ILE D 96 -8.95 10.13 -17.18
N SER D 97 -9.20 11.42 -17.47
CA SER D 97 -9.94 12.27 -16.57
C SER D 97 -10.78 13.31 -17.31
N ILE D 98 -11.91 13.72 -16.71
CA ILE D 98 -12.79 14.73 -17.26
C ILE D 98 -13.09 15.80 -16.23
N GLU D 99 -12.93 17.06 -16.59
CA GLU D 99 -13.26 18.19 -15.74
C GLU D 99 -14.49 18.87 -16.35
N VAL D 100 -15.55 19.05 -15.55
CA VAL D 100 -16.76 19.69 -16.05
C VAL D 100 -16.90 21.10 -15.47
N ARG D 101 -17.05 22.10 -16.35
CA ARG D 101 -17.20 23.50 -15.96
C ARG D 101 -18.53 24.07 -16.44
N VAL D 102 -18.98 25.17 -15.85
CA VAL D 102 -20.22 25.81 -16.28
C VAL D 102 -19.91 27.00 -17.16
N ASN D 103 -20.41 26.98 -18.41
CA ASN D 103 -20.20 28.05 -19.36
C ASN D 103 -21.50 28.46 -20.03
N PRO D 104 -21.94 29.70 -19.77
CA PRO D 104 -23.21 30.14 -20.34
C PRO D 104 -23.24 30.44 -21.83
N GLU D 105 -22.10 30.62 -22.51
CA GLU D 105 -22.14 30.93 -23.95
C GLU D 105 -22.48 29.73 -24.87
N LEU D 106 -22.54 28.52 -24.30
CA LEU D 106 -22.85 27.30 -25.06
C LEU D 106 -24.26 27.25 -25.63
N TYR D 107 -25.21 27.96 -25.00
CA TYR D 107 -26.65 27.97 -25.35
C TYR D 107 -27.03 28.74 -26.63
N ARG D 108 -26.14 29.50 -27.26
CA ARG D 108 -26.46 30.30 -28.45
C ARG D 108 -27.25 29.56 -29.57
N GLN D 109 -26.65 28.52 -30.20
CA GLN D 109 -27.31 27.80 -31.29
C GLN D 109 -28.49 26.98 -30.82
N SER D 110 -28.40 26.46 -29.58
CA SER D 110 -29.49 25.69 -28.99
C SER D 110 -30.73 26.56 -28.78
N LYS D 111 -30.52 27.82 -28.38
CA LYS D 111 -31.63 28.77 -28.20
C LYS D 111 -32.29 29.03 -29.55
N ILE D 112 -31.49 29.17 -30.60
CA ILE D 112 -31.97 29.37 -31.95
C ILE D 112 -32.82 28.17 -32.38
N THR D 113 -32.31 26.95 -32.18
CA THR D 113 -33.02 25.73 -32.54
C THR D 113 -34.30 25.52 -31.74
N SER D 114 -34.30 25.92 -30.47
CA SER D 114 -35.47 25.76 -29.61
C SER D 114 -36.57 26.78 -29.88
N GLU D 115 -36.22 28.03 -30.26
CA GLU D 115 -37.24 29.05 -30.53
C GLU D 115 -37.11 29.64 -31.93
N ASP D 116 -37.08 28.78 -32.96
CA ASP D 116 -36.91 29.19 -34.34
C ASP D 116 -38.21 29.58 -35.07
N ALA D 117 -38.56 30.88 -35.05
CA ALA D 117 -39.73 31.37 -35.76
C ALA D 117 -39.41 31.56 -37.24
N ARG D 118 -39.51 30.48 -38.04
CA ARG D 118 -39.24 30.43 -39.48
C ARG D 118 -37.77 30.63 -39.82
N ALA D 119 -37.26 29.82 -40.76
CA ALA D 119 -35.88 29.84 -41.18
C ALA D 119 -35.47 31.22 -41.70
N ALA D 120 -34.49 31.84 -41.04
CA ALA D 120 -34.02 33.16 -41.45
C ALA D 120 -32.78 33.05 -42.32
N ASN D 121 -32.98 32.72 -43.60
CA ASN D 121 -31.88 32.61 -44.54
C ASN D 121 -31.88 33.82 -45.47
N PRO D 122 -31.09 34.85 -45.15
CA PRO D 122 -31.08 36.04 -46.01
C PRO D 122 -30.23 35.88 -47.26
N ARG D 123 -30.84 36.08 -48.42
CA ARG D 123 -30.14 36.02 -49.70
C ARG D 123 -30.40 37.32 -50.45
N PRO D 124 -29.57 38.36 -50.21
CA PRO D 124 -29.84 39.65 -50.85
C PRO D 124 -29.09 40.03 -52.13
N PRO D 125 -28.43 39.16 -52.95
CA PRO D 125 -27.77 39.69 -54.16
C PRO D 125 -28.78 40.25 -55.14
N LEU D 126 -28.57 41.49 -55.62
CA LEU D 126 -29.50 42.08 -56.58
C LEU D 126 -29.26 41.55 -57.97
N SER D 127 -30.34 41.36 -58.74
CA SER D 127 -30.24 40.82 -60.08
C SER D 127 -30.15 41.90 -61.15
N GLU D 128 -29.55 41.55 -62.29
CA GLU D 128 -29.49 42.44 -63.45
C GLU D 128 -30.91 42.76 -63.94
N HIS D 129 -31.86 41.82 -63.76
CA HIS D 129 -33.25 41.97 -64.10
C HIS D 129 -33.85 43.12 -63.30
N ALA D 130 -33.56 43.19 -61.99
CA ALA D 130 -34.06 44.26 -61.14
C ALA D 130 -33.53 45.61 -61.58
N ALA D 131 -32.24 45.68 -61.95
CA ALA D 131 -31.62 46.91 -62.44
C ALA D 131 -32.31 47.37 -63.72
N HIS D 132 -32.65 46.43 -64.61
CA HIS D 132 -33.34 46.72 -65.86
C HIS D 132 -34.73 47.30 -65.59
N VAL D 133 -35.48 46.69 -64.65
CA VAL D 133 -36.82 47.19 -64.33
C VAL D 133 -36.74 48.55 -63.64
N LEU D 134 -35.72 48.77 -62.80
CA LEU D 134 -35.52 50.05 -62.14
C LEU D 134 -35.27 51.16 -63.15
N LEU D 135 -34.48 50.87 -64.20
CA LEU D 135 -34.21 51.83 -65.26
C LEU D 135 -35.46 52.06 -66.13
N ALA D 136 -36.27 51.02 -66.34
CA ALA D 136 -37.51 51.13 -67.09
C ALA D 136 -38.49 52.04 -66.35
N ILE D 137 -38.53 51.98 -65.02
CA ILE D 137 -39.40 52.85 -64.22
C ILE D 137 -38.85 54.29 -64.23
N ALA D 138 -37.52 54.43 -64.16
CA ALA D 138 -36.85 55.73 -64.17
C ALA D 138 -37.20 56.56 -65.41
N ASP D 139 -37.55 55.90 -66.53
CA ASP D 139 -37.95 56.60 -67.77
C ASP D 139 -39.29 57.33 -67.61
N GLN D 140 -40.17 56.82 -66.74
CA GLN D 140 -41.49 57.40 -66.48
C GLN D 140 -41.53 58.27 -65.21
N ALA D 141 -40.49 58.20 -64.38
CA ALA D 141 -40.39 58.93 -63.12
C ALA D 141 -39.96 60.38 -63.29
N SER D 142 -40.32 61.23 -62.34
CA SER D 142 -39.89 62.63 -62.33
C SER D 142 -38.37 62.66 -62.12
N ASP D 143 -37.70 63.78 -62.44
CA ASP D 143 -36.24 63.89 -62.31
C ASP D 143 -35.67 63.49 -60.96
N LYS D 144 -36.39 63.81 -59.87
CA LYS D 144 -35.95 63.47 -58.52
C LYS D 144 -35.99 61.96 -58.29
N VAL D 145 -37.07 61.31 -58.72
CA VAL D 145 -37.25 59.87 -58.57
C VAL D 145 -36.36 59.10 -59.55
N LYS D 146 -36.17 59.64 -60.75
CA LYS D 146 -35.33 59.07 -61.80
C LYS D 146 -33.91 58.90 -61.30
N LYS D 147 -33.34 59.91 -60.62
CA LYS D 147 -31.98 59.86 -60.08
C LYS D 147 -31.84 58.76 -59.01
N ARG D 148 -32.85 58.59 -58.15
CA ARG D 148 -32.83 57.57 -57.10
C ARG D 148 -32.97 56.16 -57.69
N LEU D 149 -33.79 56.01 -58.74
CA LEU D 149 -33.97 54.74 -59.42
C LEU D 149 -32.72 54.33 -60.18
N GLN D 150 -32.06 55.30 -60.84
CA GLN D 150 -30.80 55.05 -61.55
C GLN D 150 -29.70 54.70 -60.55
N SER D 151 -29.70 55.36 -59.37
CA SER D 151 -28.73 55.10 -58.30
C SER D 151 -28.92 53.67 -57.78
N LEU D 152 -30.17 53.24 -57.59
CA LEU D 152 -30.48 51.90 -57.13
C LEU D 152 -30.11 50.85 -58.18
N ALA D 153 -30.35 51.16 -59.47
CA ALA D 153 -30.00 50.26 -60.57
C ALA D 153 -28.48 50.13 -60.71
N ARG D 154 -27.74 51.22 -60.43
CA ARG D 154 -26.28 51.23 -60.44
C ARG D 154 -25.75 50.33 -59.32
N LEU D 155 -26.41 50.34 -58.16
CA LEU D 155 -26.05 49.50 -57.03
C LEU D 155 -26.30 48.02 -57.31
N ALA D 156 -27.21 47.70 -58.25
CA ALA D 156 -27.53 46.32 -58.60
C ALA D 156 -26.39 45.63 -59.36
N LYS D 157 -25.73 44.67 -58.71
CA LYS D 157 -24.60 43.89 -59.25
C LYS D 157 -25.04 42.55 -59.85
N ALA D 158 -24.41 42.11 -60.94
CA ALA D 158 -24.74 40.86 -61.61
C ALA D 158 -24.19 39.60 -60.95
N ASN D 159 -24.92 39.10 -59.98
CA ASN D 159 -24.55 37.91 -59.26
C ASN D 159 -25.29 36.70 -59.83
N GLN D 160 -25.25 36.50 -61.16
CA GLN D 160 -25.91 35.36 -61.79
C GLN D 160 -25.16 34.04 -61.53
N LYS D 161 -25.89 32.94 -61.30
CA LYS D 161 -25.30 31.64 -60.99
C LYS D 161 -26.21 30.46 -61.45
N ASP D 162 -26.00 29.23 -60.93
CA ASP D 162 -26.76 28.01 -61.25
C ASP D 162 -26.51 27.46 -62.66
N ASP D 163 -25.92 28.28 -63.55
CA ASP D 163 -25.58 27.89 -64.92
C ASP D 163 -24.32 28.61 -65.37
#